data_3GRI
#
_entry.id   3GRI
#
_cell.length_a   50.217
_cell.length_b   55.229
_cell.length_c   85.647
_cell.angle_alpha   88.33
_cell.angle_beta   76.56
_cell.angle_gamma   76.97
#
_symmetry.space_group_name_H-M   'P 1'
#
loop_
_entity.id
_entity.type
_entity.pdbx_description
1 polymer Dihydroorotase
2 non-polymer 'ZINC ION'
3 non-polymer 'CHLORIDE ION'
4 non-polymer 'CALCIUM ION'
5 water water
#
_entity_poly.entity_id   1
_entity_poly.type   'polypeptide(L)'
_entity_poly.pdbx_seq_one_letter_code
;(MSE)KLIKNGKVLQNGELQQADILIDGKVIKQIAPAIEPSNGVDIIDAKGHFVSPGFVDVHVHLREPGGEYKETIETGT
KAAARGGFTTVCP(MSE)PNTRPVPDSVEHFEALQKLIDDNAQVRVLPYASITTRQLGKELVDFPALVKEGAFAFTDDGV
GVQTAS(MSE)(MSE)YEG(MSE)IEAAKVNKAIVAHCEDNSLIYGGA(MSE)HEGKRSKELGIPGIPNICESVQIARDV
LLAEAAGCHYHVCHVSTKESVRVIRDAKRAGIHVTAEVTPHHLLLTEDDIPGNNAIYK(MSE)NPPLRSTEDREALLEGL
LDGTIDCIATDHAPHARDEKAQP(MSE)EKAPFGIVGSETAFPLLYTHFVKNGDWTLQQLVDYLTIKPCETFNLEYGTLK
ENGYADLTIIDLDSEQEIKGEDFLSKADNTPFIGYKVYGNPILT(MSE)VEGEVKFEGDK
;
_entity_poly.pdbx_strand_id   A,B
#
loop_
_chem_comp.id
_chem_comp.type
_chem_comp.name
_chem_comp.formula
CA non-polymer 'CALCIUM ION' 'Ca 2'
CL non-polymer 'CHLORIDE ION' 'Cl -1'
ZN non-polymer 'ZINC ION' 'Zn 2'
#
# COMPACT_ATOMS: atom_id res chain seq x y z
N MSE A 1 41.78 -33.03 -9.85
CA MSE A 1 42.20 -31.74 -9.24
C MSE A 1 42.58 -30.68 -10.26
O MSE A 1 43.09 -30.98 -11.35
CB MSE A 1 43.37 -31.94 -8.27
CG MSE A 1 43.00 -32.68 -6.99
SE MSE A 1 44.13 -32.13 -5.48
CE MSE A 1 43.77 -33.65 -4.28
N LYS A 2 42.33 -29.42 -9.89
CA LYS A 2 42.64 -28.25 -10.71
C LYS A 2 43.27 -27.14 -9.85
N LEU A 3 44.15 -26.35 -10.45
CA LEU A 3 44.78 -25.24 -9.74
C LEU A 3 44.75 -23.98 -10.60
N ILE A 4 44.13 -22.93 -10.06
CA ILE A 4 44.09 -21.64 -10.73
C ILE A 4 45.27 -20.84 -10.22
N LYS A 5 46.29 -20.70 -11.09
CA LYS A 5 47.48 -19.95 -10.74
C LYS A 5 47.42 -18.52 -11.27
N ASN A 6 47.95 -17.58 -10.43
CA ASN A 6 48.20 -16.16 -10.81
C ASN A 6 47.04 -15.16 -10.70
N GLY A 7 45.90 -15.60 -10.15
CA GLY A 7 44.75 -14.71 -9.98
C GLY A 7 44.89 -13.77 -8.80
N LYS A 8 44.03 -12.69 -8.80
CA LYS A 8 43.95 -11.78 -7.66
C LYS A 8 42.57 -11.89 -7.02
N VAL A 9 42.54 -11.85 -5.69
CA VAL A 9 41.28 -11.95 -4.94
C VAL A 9 41.07 -10.73 -4.06
N LEU A 10 39.82 -10.46 -3.71
CA LEU A 10 39.46 -9.33 -2.84
C LEU A 10 39.55 -9.66 -1.36
N GLN A 11 40.35 -8.87 -0.63
CA GLN A 11 40.48 -8.97 0.82
C GLN A 11 40.19 -7.59 1.40
N ASN A 12 39.02 -7.47 2.06
CA ASN A 12 38.47 -6.20 2.53
C ASN A 12 38.03 -5.29 1.36
N GLY A 13 38.91 -4.39 0.95
CA GLY A 13 38.63 -3.50 -0.18
C GLY A 13 39.85 -3.31 -1.06
N GLU A 14 40.58 -4.39 -1.29
CA GLU A 14 41.76 -4.35 -2.14
C GLU A 14 41.95 -5.69 -2.85
N LEU A 15 42.59 -5.65 -4.01
CA LEU A 15 42.91 -6.86 -4.76
C LEU A 15 44.26 -7.38 -4.29
N GLN A 16 44.36 -8.69 -4.07
CA GLN A 16 45.60 -9.31 -3.61
C GLN A 16 45.93 -10.64 -4.28
N GLN A 17 47.23 -10.84 -4.51
CA GLN A 17 47.77 -12.07 -5.11
C GLN A 17 47.38 -13.30 -4.29
N ALA A 18 46.89 -14.33 -5.00
CA ALA A 18 46.48 -15.58 -4.38
C ALA A 18 46.22 -16.70 -5.40
N ASP A 19 46.86 -17.88 -5.15
CA ASP A 19 46.58 -19.09 -5.93
C ASP A 19 45.48 -19.93 -5.25
N ILE A 20 44.74 -20.68 -6.11
CA ILE A 20 43.58 -21.44 -5.63
C ILE A 20 43.60 -22.91 -6.07
N LEU A 21 43.67 -23.81 -5.09
CA LEU A 21 43.71 -25.25 -5.34
C LEU A 21 42.31 -25.84 -5.20
N ILE A 22 41.88 -26.57 -6.23
CA ILE A 22 40.53 -27.13 -6.31
C ILE A 22 40.54 -28.66 -6.30
N ASP A 23 39.73 -29.23 -5.42
CA ASP A 23 39.61 -30.66 -5.31
C ASP A 23 38.19 -31.12 -5.65
N GLY A 24 37.97 -31.51 -6.90
CA GLY A 24 36.67 -32.01 -7.35
C GLY A 24 35.63 -30.92 -7.54
N LYS A 25 34.68 -30.83 -6.59
CA LYS A 25 33.58 -29.84 -6.64
C LYS A 25 33.83 -28.63 -5.73
N VAL A 26 34.77 -28.81 -4.79
CA VAL A 26 35.06 -27.83 -3.74
C VAL A 26 36.46 -27.30 -3.93
N ILE A 27 36.77 -26.16 -3.31
CA ILE A 27 38.13 -25.66 -3.32
C ILE A 27 38.81 -26.16 -2.04
N LYS A 28 40.05 -26.64 -2.17
CA LYS A 28 40.77 -27.20 -1.03
C LYS A 28 41.48 -26.10 -0.25
N GLN A 29 42.12 -25.11 -1.02
CA GLN A 29 42.87 -23.97 -0.38
C GLN A 29 43.01 -22.67 -1.18
N ILE A 30 43.17 -21.46 -0.42
CA ILE A 30 43.54 -20.20 -1.07
C ILE A 30 44.81 -19.70 -0.38
N ALA A 31 45.91 -19.77 -1.19
CA ALA A 31 47.22 -19.43 -0.64
C ALA A 31 48.05 -18.50 -1.58
N PRO A 32 48.73 -17.52 -0.95
CA PRO A 32 49.73 -16.67 -1.71
C PRO A 32 50.42 -17.50 -2.81
N ALA A 33 50.86 -18.79 -2.43
CA ALA A 33 51.49 -19.71 -3.38
C ALA A 33 51.13 -21.17 -3.01
N ILE A 34 51.14 -22.00 -4.11
CA ILE A 34 50.87 -23.43 -3.98
C ILE A 34 51.42 -24.22 -5.18
N GLU A 35 52.34 -25.22 -4.82
CA GLU A 35 52.92 -26.10 -5.85
C GLU A 35 51.98 -27.28 -6.18
N PRO A 36 51.93 -27.66 -7.51
CA PRO A 36 51.06 -28.76 -7.95
C PRO A 36 51.59 -30.16 -7.59
N SER A 37 50.70 -31.17 -7.64
CA SER A 37 51.03 -32.57 -7.33
C SER A 37 50.85 -33.49 -8.54
N ASN A 38 49.92 -34.45 -8.47
CA ASN A 38 49.70 -35.41 -9.55
C ASN A 38 48.36 -35.27 -10.28
N GLY A 39 48.43 -35.34 -11.61
CA GLY A 39 47.24 -35.25 -12.48
C GLY A 39 46.55 -33.89 -12.40
N VAL A 40 47.36 -32.86 -12.19
CA VAL A 40 46.85 -31.51 -12.00
C VAL A 40 46.55 -30.83 -13.34
N ASP A 41 45.29 -30.47 -13.55
CA ASP A 41 44.89 -29.68 -14.70
C ASP A 41 45.28 -28.25 -14.37
N ILE A 42 45.90 -27.56 -15.33
CA ILE A 42 46.39 -26.20 -15.09
C ILE A 42 45.58 -25.08 -15.76
N ILE A 43 45.20 -24.10 -14.94
CA ILE A 43 44.54 -22.88 -15.41
C ILE A 43 45.40 -21.68 -14.99
N ASP A 44 45.90 -20.94 -16.00
CA ASP A 44 46.69 -19.75 -15.73
C ASP A 44 45.82 -18.50 -15.85
N ALA A 45 45.54 -17.87 -14.70
CA ALA A 45 44.66 -16.70 -14.64
C ALA A 45 45.34 -15.42 -15.14
N LYS A 46 46.67 -15.46 -15.18
CA LYS A 46 47.53 -14.40 -15.74
C LYS A 46 47.37 -12.98 -15.14
N GLY A 47 47.26 -12.92 -13.80
CA GLY A 47 47.14 -11.64 -13.11
C GLY A 47 45.73 -11.08 -12.99
N HIS A 48 44.77 -11.72 -13.65
CA HIS A 48 43.39 -11.27 -13.63
C HIS A 48 42.71 -11.49 -12.29
N PHE A 49 41.60 -10.76 -12.09
CA PHE A 49 40.84 -10.81 -10.85
C PHE A 49 39.97 -12.06 -10.78
N VAL A 50 40.04 -12.75 -9.65
CA VAL A 50 39.27 -13.96 -9.41
C VAL A 50 38.17 -13.70 -8.39
N SER A 51 36.92 -13.76 -8.85
CA SER A 51 35.73 -13.45 -8.05
C SER A 51 34.91 -14.70 -7.76
N PRO A 52 34.18 -14.71 -6.62
CA PRO A 52 33.17 -15.73 -6.43
C PRO A 52 32.17 -15.62 -7.58
N GLY A 53 31.61 -16.74 -8.02
CA GLY A 53 30.67 -16.75 -9.13
C GLY A 53 29.49 -15.85 -8.83
N PHE A 54 28.97 -15.16 -9.83
CA PHE A 54 27.79 -14.30 -9.61
C PHE A 54 26.55 -15.17 -9.50
N VAL A 55 25.57 -14.65 -8.78
CA VAL A 55 24.31 -15.34 -8.55
C VAL A 55 23.19 -14.44 -9.05
N ASP A 56 22.39 -14.95 -9.99
CA ASP A 56 21.30 -14.22 -10.62
C ASP A 56 19.95 -14.84 -10.25
N VAL A 57 19.20 -14.13 -9.43
CA VAL A 57 17.94 -14.67 -8.94
C VAL A 57 16.76 -14.46 -9.89
N HIS A 58 17.01 -13.88 -11.06
CA HIS A 58 15.91 -13.58 -11.97
C HIS A 58 16.35 -13.70 -13.42
N VAL A 59 16.18 -14.88 -14.02
CA VAL A 59 16.48 -15.07 -15.44
C VAL A 59 15.33 -15.80 -16.11
N HIS A 60 15.27 -15.69 -17.42
CA HIS A 60 14.31 -16.41 -18.21
C HIS A 60 15.09 -17.33 -19.13
N LEU A 61 14.93 -18.64 -18.92
CA LEU A 61 15.63 -19.63 -19.73
C LEU A 61 14.78 -20.09 -20.92
N ARG A 62 13.49 -19.76 -20.89
CA ARG A 62 12.54 -19.99 -22.03
C ARG A 62 12.10 -21.42 -22.27
N GLU A 63 13.05 -22.36 -22.21
CA GLU A 63 12.76 -23.79 -22.28
C GLU A 63 12.21 -24.24 -20.92
N PRO A 64 11.12 -25.02 -20.89
CA PRO A 64 10.35 -25.56 -22.01
C PRO A 64 9.32 -24.57 -22.57
N GLY A 65 9.00 -24.72 -23.86
CA GLY A 65 7.99 -23.90 -24.52
C GLY A 65 8.52 -22.86 -25.48
N GLY A 66 9.61 -22.18 -25.11
CA GLY A 66 10.16 -21.10 -25.93
C GLY A 66 11.59 -21.29 -26.39
N GLU A 67 11.90 -22.52 -26.83
CA GLU A 67 13.24 -22.93 -27.22
C GLU A 67 13.88 -22.12 -28.34
N TYR A 68 13.07 -21.54 -29.22
CA TYR A 68 13.58 -20.72 -30.32
C TYR A 68 14.12 -19.39 -29.81
N LYS A 69 13.65 -18.96 -28.64
CA LYS A 69 14.11 -17.71 -28.02
C LYS A 69 15.41 -17.98 -27.27
N GLU A 70 15.42 -19.09 -26.53
CA GLU A 70 16.52 -19.50 -25.67
C GLU A 70 16.27 -20.93 -25.20
N THR A 71 17.34 -21.67 -24.92
CA THR A 71 17.24 -23.00 -24.33
C THR A 71 17.98 -22.96 -23.00
N ILE A 72 17.76 -23.97 -22.16
CA ILE A 72 18.52 -24.10 -20.91
C ILE A 72 20.04 -24.14 -21.20
N GLU A 73 20.43 -24.84 -22.26
CA GLU A 73 21.83 -24.87 -22.68
C GLU A 73 22.38 -23.48 -23.03
N THR A 74 21.77 -22.82 -24.02
CA THR A 74 22.24 -21.50 -24.44
C THR A 74 22.11 -20.44 -23.33
N GLY A 75 21.03 -20.51 -22.57
CA GLY A 75 20.83 -19.56 -21.49
C GLY A 75 21.85 -19.66 -20.37
N THR A 76 22.22 -20.88 -20.00
CA THR A 76 23.23 -21.07 -18.94
C THR A 76 24.64 -20.88 -19.50
N LYS A 77 24.80 -21.09 -20.81
CA LYS A 77 26.09 -20.78 -21.43
C LYS A 77 26.34 -19.26 -21.39
N ALA A 78 25.28 -18.50 -21.63
CA ALA A 78 25.28 -17.04 -21.57
C ALA A 78 25.56 -16.57 -20.15
N ALA A 79 24.90 -17.19 -19.17
CA ALA A 79 25.13 -16.90 -17.76
C ALA A 79 26.62 -17.07 -17.39
N ALA A 80 27.19 -18.23 -17.73
CA ALA A 80 28.59 -18.50 -17.45
C ALA A 80 29.53 -17.45 -18.10
N ARG A 81 29.27 -17.09 -19.35
CA ARG A 81 30.05 -16.03 -20.01
C ARG A 81 29.97 -14.70 -19.27
N GLY A 82 28.84 -14.47 -18.60
CA GLY A 82 28.65 -13.26 -17.81
C GLY A 82 29.25 -13.37 -16.42
N GLY A 83 29.81 -14.54 -16.10
CA GLY A 83 30.43 -14.78 -14.80
C GLY A 83 29.49 -15.36 -13.76
N PHE A 84 28.27 -15.70 -14.17
CA PHE A 84 27.28 -16.26 -13.25
C PHE A 84 27.46 -17.76 -13.16
N THR A 85 27.38 -18.30 -11.93
CA THR A 85 27.51 -19.74 -11.70
C THR A 85 26.21 -20.34 -11.14
N THR A 86 25.31 -19.47 -10.69
CA THR A 86 23.99 -19.87 -10.19
C THR A 86 22.96 -18.90 -10.74
N VAL A 87 21.89 -19.44 -11.34
CA VAL A 87 20.80 -18.61 -11.85
C VAL A 87 19.51 -19.26 -11.38
N CYS A 88 18.45 -18.46 -11.28
CA CYS A 88 17.15 -18.95 -10.83
C CYS A 88 16.11 -18.57 -11.86
N PRO A 89 15.75 -19.52 -12.74
CA PRO A 89 14.84 -19.19 -13.82
C PRO A 89 13.39 -19.02 -13.38
N MSE A 90 12.71 -18.06 -14.00
CA MSE A 90 11.32 -17.75 -13.71
C MSE A 90 10.37 -18.82 -14.29
O MSE A 90 10.77 -19.53 -15.22
CB MSE A 90 11.00 -16.36 -14.28
CG MSE A 90 11.86 -15.27 -13.67
SE MSE A 90 11.35 -14.99 -11.81
CE MSE A 90 9.77 -13.88 -12.11
N PRO A 91 9.13 -18.91 -13.76
CA PRO A 91 8.22 -19.98 -14.15
C PRO A 91 7.28 -19.71 -15.33
N ASN A 92 7.54 -18.68 -16.13
CA ASN A 92 6.60 -18.34 -17.19
C ASN A 92 6.89 -19.13 -18.48
N THR A 93 6.96 -20.43 -18.31
CA THR A 93 7.29 -21.37 -19.39
C THR A 93 6.05 -22.24 -19.68
N ARG A 94 6.13 -23.08 -20.71
CA ARG A 94 5.06 -24.04 -21.00
C ARG A 94 5.65 -25.44 -21.17
N PRO A 95 5.37 -26.36 -20.22
CA PRO A 95 4.48 -26.20 -19.06
C PRO A 95 5.07 -25.34 -17.96
N VAL A 96 4.20 -24.82 -17.10
CA VAL A 96 4.61 -24.06 -15.92
C VAL A 96 5.06 -25.07 -14.87
N PRO A 97 6.13 -24.76 -14.13
CA PRO A 97 6.54 -25.63 -13.02
C PRO A 97 5.60 -25.47 -11.82
N ASP A 98 4.45 -26.10 -11.87
CA ASP A 98 3.39 -25.93 -10.89
C ASP A 98 2.91 -27.24 -10.28
N SER A 99 3.63 -28.31 -10.62
CA SER A 99 3.32 -29.67 -10.19
C SER A 99 4.59 -30.51 -10.10
N VAL A 100 4.51 -31.62 -9.37
CA VAL A 100 5.62 -32.57 -9.28
C VAL A 100 6.00 -33.07 -10.68
N GLU A 101 5.00 -33.50 -11.45
CA GLU A 101 5.21 -33.92 -12.84
C GLU A 101 6.05 -32.89 -13.61
N HIS A 102 5.63 -31.62 -13.58
CA HIS A 102 6.29 -30.57 -14.34
C HIS A 102 7.67 -30.22 -13.78
N PHE A 103 7.81 -30.22 -12.46
CA PHE A 103 9.11 -30.03 -11.81
C PHE A 103 10.14 -31.12 -12.13
N GLU A 104 9.68 -32.37 -12.16
CA GLU A 104 10.56 -33.49 -12.46
C GLU A 104 11.02 -33.45 -13.91
N ALA A 105 10.12 -33.08 -14.82
CA ALA A 105 10.46 -32.90 -16.24
C ALA A 105 11.51 -31.81 -16.43
N LEU A 106 11.39 -30.74 -15.64
CA LEU A 106 12.29 -29.61 -15.67
C LEU A 106 13.67 -29.94 -15.11
N GLN A 107 13.71 -30.66 -13.98
CA GLN A 107 14.98 -31.00 -13.35
C GLN A 107 15.80 -31.90 -14.27
N LYS A 108 15.10 -32.74 -15.02
CA LYS A 108 15.71 -33.59 -16.03
C LYS A 108 16.37 -32.76 -17.14
N LEU A 109 15.65 -31.75 -17.63
CA LEU A 109 16.21 -30.85 -18.64
C LEU A 109 17.42 -30.10 -18.10
N ILE A 110 17.37 -29.72 -16.82
CA ILE A 110 18.49 -29.10 -16.13
C ILE A 110 19.69 -30.06 -16.02
N ASP A 111 19.42 -31.28 -15.57
CA ASP A 111 20.47 -32.29 -15.46
C ASP A 111 21.16 -32.51 -16.79
N ASP A 112 20.37 -32.58 -17.86
CA ASP A 112 20.89 -32.85 -19.21
C ASP A 112 21.54 -31.66 -19.94
N ASN A 113 21.11 -30.45 -19.62
CA ASN A 113 21.48 -29.26 -20.41
C ASN A 113 22.18 -28.09 -19.72
N ALA A 114 21.85 -27.83 -18.46
CA ALA A 114 22.36 -26.67 -17.74
C ALA A 114 23.87 -26.68 -17.66
N GLN A 115 24.50 -25.55 -17.93
CA GLN A 115 25.94 -25.44 -17.83
C GLN A 115 26.36 -24.72 -16.56
N VAL A 116 25.37 -24.29 -15.77
CA VAL A 116 25.59 -23.67 -14.45
C VAL A 116 24.54 -24.21 -13.48
N ARG A 117 24.63 -23.86 -12.18
CA ARG A 117 23.60 -24.29 -11.25
C ARG A 117 22.31 -23.54 -11.51
N VAL A 118 21.22 -24.29 -11.54
CA VAL A 118 19.91 -23.74 -11.85
C VAL A 118 18.97 -24.06 -10.70
N LEU A 119 18.48 -23.03 -10.02
CA LEU A 119 17.54 -23.17 -8.90
C LEU A 119 16.18 -22.65 -9.37
N PRO A 120 15.29 -23.55 -9.81
CA PRO A 120 14.09 -23.03 -10.44
C PRO A 120 13.00 -22.52 -9.50
N TYR A 121 12.39 -21.42 -9.92
CA TYR A 121 11.21 -20.92 -9.24
C TYR A 121 10.01 -21.81 -9.57
N ALA A 122 9.09 -21.93 -8.62
CA ALA A 122 7.79 -22.52 -8.88
C ALA A 122 6.82 -21.36 -9.12
N SER A 123 5.68 -21.62 -9.73
CA SER A 123 4.64 -20.58 -9.78
C SER A 123 3.93 -20.63 -8.44
N ILE A 124 3.12 -19.62 -8.15
CA ILE A 124 2.33 -19.59 -6.94
C ILE A 124 1.04 -20.37 -7.19
N THR A 125 0.56 -20.35 -8.44
CA THR A 125 -0.71 -20.95 -8.79
C THR A 125 -0.62 -21.80 -10.06
N THR A 126 -1.57 -22.72 -10.19
CA THR A 126 -1.67 -23.63 -11.33
C THR A 126 -1.73 -22.86 -12.64
N ARG A 127 -0.83 -23.21 -13.55
CA ARG A 127 -0.67 -22.57 -14.87
C ARG A 127 -0.50 -21.06 -14.80
N GLN A 128 -0.14 -20.54 -13.63
CA GLN A 128 -0.05 -19.09 -13.45
C GLN A 128 -1.40 -18.40 -13.75
N LEU A 129 -2.50 -19.15 -13.67
CA LEU A 129 -3.82 -18.57 -13.93
C LEU A 129 -4.38 -17.82 -12.73
N GLY A 130 -3.72 -17.94 -11.58
CA GLY A 130 -4.11 -17.21 -10.38
C GLY A 130 -5.42 -17.64 -9.74
N LYS A 131 -5.85 -18.87 -10.01
CA LYS A 131 -7.13 -19.40 -9.49
C LYS A 131 -6.99 -20.48 -8.42
N GLU A 132 -5.89 -21.23 -8.45
CA GLU A 132 -5.64 -22.38 -7.56
C GLU A 132 -4.17 -22.45 -7.14
N LEU A 133 -3.92 -22.40 -5.82
CA LEU A 133 -2.58 -22.53 -5.29
C LEU A 133 -1.97 -23.88 -5.62
N VAL A 134 -0.68 -23.88 -5.94
CA VAL A 134 0.08 -25.11 -6.13
C VAL A 134 0.30 -25.83 -4.78
N ASP A 135 0.87 -27.04 -4.81
CA ASP A 135 1.21 -27.79 -3.62
C ASP A 135 2.59 -27.35 -3.15
N PHE A 136 2.64 -26.43 -2.20
CA PHE A 136 3.91 -25.86 -1.76
C PHE A 136 4.95 -26.86 -1.20
N PRO A 137 4.58 -27.68 -0.19
CA PRO A 137 5.56 -28.66 0.31
C PRO A 137 6.01 -29.64 -0.78
N ALA A 138 5.09 -30.02 -1.67
CA ALA A 138 5.42 -30.95 -2.75
C ALA A 138 6.45 -30.37 -3.72
N LEU A 139 6.40 -29.05 -3.95
CA LEU A 139 7.35 -28.43 -4.90
C LEU A 139 8.69 -28.13 -4.28
N VAL A 140 8.68 -27.77 -3.00
CA VAL A 140 9.90 -27.56 -2.25
C VAL A 140 10.75 -28.84 -2.29
N LYS A 141 10.08 -29.98 -2.19
CA LYS A 141 10.72 -31.29 -2.22
C LYS A 141 11.30 -31.63 -3.57
N GLU A 142 10.83 -30.95 -4.62
CA GLU A 142 11.37 -31.16 -5.96
C GLU A 142 12.41 -30.13 -6.32
N GLY A 143 12.77 -29.28 -5.36
CA GLY A 143 13.82 -28.30 -5.55
C GLY A 143 13.40 -26.87 -5.84
N ALA A 144 12.16 -26.51 -5.52
CA ALA A 144 11.67 -25.15 -5.80
C ALA A 144 12.48 -24.13 -5.01
N PHE A 145 12.96 -23.10 -5.70
CA PHE A 145 13.77 -22.03 -5.11
C PHE A 145 12.90 -21.03 -4.36
N ALA A 146 11.78 -20.66 -4.99
CA ALA A 146 10.83 -19.70 -4.45
C ALA A 146 9.50 -19.89 -5.20
N PHE A 147 8.46 -19.19 -4.75
CA PHE A 147 7.13 -19.24 -5.38
C PHE A 147 6.83 -17.88 -5.93
N THR A 148 6.60 -17.85 -7.24
CA THR A 148 6.69 -16.60 -7.93
C THR A 148 5.50 -16.22 -8.77
N ASP A 149 5.09 -14.97 -8.57
CA ASP A 149 4.01 -14.32 -9.31
C ASP A 149 4.58 -13.60 -10.51
N ASP A 150 4.59 -14.31 -11.64
CA ASP A 150 5.07 -13.76 -12.89
C ASP A 150 3.88 -13.98 -13.85
N GLY A 151 3.70 -13.06 -14.79
CA GLY A 151 2.57 -13.17 -15.72
C GLY A 151 1.23 -12.81 -15.10
N VAL A 152 0.16 -13.02 -15.84
CA VAL A 152 -1.18 -12.64 -15.37
C VAL A 152 -1.74 -13.68 -14.40
N GLY A 153 -1.25 -13.63 -13.16
CA GLY A 153 -1.59 -14.61 -12.12
C GLY A 153 -2.52 -14.14 -11.01
N VAL A 154 -2.01 -14.18 -9.78
CA VAL A 154 -2.78 -13.83 -8.58
C VAL A 154 -3.56 -12.54 -8.83
N GLN A 155 -4.89 -12.61 -8.71
CA GLN A 155 -5.71 -11.45 -9.08
C GLN A 155 -6.50 -10.84 -7.90
N THR A 156 -6.46 -11.50 -6.75
CA THR A 156 -7.14 -11.01 -5.57
C THR A 156 -6.17 -10.99 -4.41
N ALA A 157 -6.37 -10.07 -3.48
CA ALA A 157 -5.54 -10.02 -2.28
C ALA A 157 -5.64 -11.34 -1.50
N SER A 158 -6.85 -11.93 -1.45
CA SER A 158 -7.06 -13.20 -0.71
C SER A 158 -6.15 -14.33 -1.20
N MSE A 159 -6.09 -14.54 -2.50
CA MSE A 159 -5.18 -15.53 -3.10
C MSE A 159 -3.70 -15.25 -2.79
O MSE A 159 -2.97 -16.17 -2.44
CB MSE A 159 -5.41 -15.63 -4.61
CG MSE A 159 -6.56 -16.52 -4.98
SE MSE A 159 -6.06 -18.44 -4.80
CE MSE A 159 -4.54 -18.44 -5.98
N MSE A 160 -3.26 -14.00 -2.91
CA MSE A 160 -1.85 -13.64 -2.56
C MSE A 160 -1.61 -13.99 -1.09
O MSE A 160 -0.59 -14.57 -0.75
CB MSE A 160 -1.59 -12.16 -2.80
CG MSE A 160 -0.12 -11.72 -2.74
SE MSE A 160 1.12 -12.96 -3.63
CE MSE A 160 2.21 -11.73 -4.69
N TYR A 161 -2.57 -13.64 -0.25
CA TYR A 161 -2.48 -13.84 1.20
C TYR A 161 -2.35 -15.34 1.55
N GLU A 162 -3.20 -16.14 0.92
CA GLU A 162 -3.21 -17.57 1.14
C GLU A 162 -1.95 -18.20 0.57
N GLY A 163 -1.42 -17.62 -0.51
CA GLY A 163 -0.19 -18.08 -1.14
C GLY A 163 0.97 -17.81 -0.21
N MSE A 164 0.93 -16.66 0.43
CA MSE A 164 1.97 -16.28 1.40
C MSE A 164 1.98 -17.09 2.69
O MSE A 164 3.04 -17.36 3.26
CB MSE A 164 1.87 -14.82 1.70
CG MSE A 164 2.23 -13.98 0.50
SE MSE A 164 1.87 -12.12 0.87
CE MSE A 164 3.14 -11.36 -0.40
N ILE A 165 0.79 -17.42 3.18
CA ILE A 165 0.66 -18.31 4.31
C ILE A 165 1.32 -19.67 4.01
N GLU A 166 1.11 -20.20 2.79
CA GLU A 166 1.73 -21.47 2.37
C GLU A 166 3.25 -21.38 2.28
N ALA A 167 3.76 -20.25 1.77
CA ALA A 167 5.20 -20.07 1.67
C ALA A 167 5.83 -19.89 3.04
N ALA A 168 5.11 -19.23 3.94
CA ALA A 168 5.61 -19.09 5.32
C ALA A 168 5.73 -20.49 5.94
N LYS A 169 4.76 -21.39 5.67
CA LYS A 169 4.76 -22.77 6.20
C LYS A 169 6.01 -23.56 5.73
N VAL A 170 6.45 -23.32 4.50
CA VAL A 170 7.61 -24.01 3.94
C VAL A 170 8.91 -23.22 4.00
N ASN A 171 8.89 -22.03 4.62
CA ASN A 171 10.10 -21.23 4.78
C ASN A 171 10.76 -20.84 3.45
N LYS A 172 9.91 -20.44 2.50
CA LYS A 172 10.31 -20.00 1.17
C LYS A 172 9.73 -18.62 0.84
N ALA A 173 10.40 -17.87 -0.03
CA ALA A 173 9.94 -16.54 -0.41
C ALA A 173 8.82 -16.57 -1.43
N ILE A 174 7.93 -15.57 -1.31
CA ILE A 174 7.03 -15.23 -2.39
C ILE A 174 7.78 -14.14 -3.16
N VAL A 175 7.93 -14.33 -4.46
CA VAL A 175 8.65 -13.39 -5.30
C VAL A 175 7.58 -12.83 -6.23
N ALA A 176 7.49 -11.51 -6.32
CA ALA A 176 6.45 -10.95 -7.16
C ALA A 176 6.90 -9.92 -8.18
N HIS A 177 6.42 -10.13 -9.42
CA HIS A 177 6.49 -9.12 -10.47
C HIS A 177 5.30 -8.20 -10.15
N CYS A 178 5.55 -7.05 -9.55
CA CYS A 178 4.45 -6.16 -9.18
C CYS A 178 3.85 -5.42 -10.37
N GLU A 179 2.62 -5.78 -10.72
CA GLU A 179 1.95 -5.18 -11.86
C GLU A 179 0.42 -5.30 -11.71
N ASP A 180 -0.27 -4.20 -11.41
CA ASP A 180 -1.73 -4.22 -11.31
C ASP A 180 -2.34 -4.25 -12.71
N ASN A 181 -3.04 -5.33 -13.03
CA ASN A 181 -3.62 -5.46 -14.37
C ASN A 181 -4.50 -4.32 -14.91
N SER A 182 -5.31 -3.69 -14.05
CA SER A 182 -6.21 -2.63 -14.54
C SER A 182 -5.45 -1.33 -14.84
N LEU A 183 -4.22 -1.22 -14.32
CA LEU A 183 -3.40 -0.03 -14.47
C LEU A 183 -2.29 -0.09 -15.54
N ILE A 184 -2.30 -1.16 -16.33
CA ILE A 184 -1.33 -1.31 -17.41
C ILE A 184 -1.70 -0.35 -18.55
N TYR A 185 -3.01 -0.20 -18.75
CA TYR A 185 -3.58 0.67 -19.81
C TYR A 185 -3.08 0.40 -21.23
N GLY A 186 -2.66 -0.84 -21.50
CA GLY A 186 -2.14 -1.20 -22.82
C GLY A 186 -0.81 -0.51 -23.06
N GLY A 187 -0.14 -0.05 -22.01
CA GLY A 187 1.11 0.68 -22.20
C GLY A 187 2.29 -0.19 -22.59
N ALA A 188 3.28 0.40 -23.25
CA ALA A 188 4.43 -0.31 -23.75
C ALA A 188 5.75 0.27 -23.24
N MSE A 189 5.68 1.38 -22.51
CA MSE A 189 6.85 2.06 -21.96
C MSE A 189 6.42 2.96 -20.81
O MSE A 189 5.25 3.00 -20.46
CB MSE A 189 7.57 2.88 -23.05
CG MSE A 189 6.75 4.00 -23.71
SE MSE A 189 7.84 5.12 -24.92
CE MSE A 189 8.97 5.99 -23.56
N HIS A 190 7.36 3.70 -20.22
CA HIS A 190 7.01 4.60 -19.11
C HIS A 190 6.04 5.71 -19.56
N GLU A 191 4.99 5.96 -18.78
CA GLU A 191 4.07 7.09 -19.02
C GLU A 191 4.75 8.33 -18.50
N GLY A 192 5.16 9.20 -19.41
CA GLY A 192 5.90 10.41 -19.05
C GLY A 192 6.15 11.24 -20.30
N LYS A 193 7.19 12.08 -20.25
CA LYS A 193 7.50 13.01 -21.34
C LYS A 193 7.71 12.29 -22.65
N ARG A 194 8.61 11.30 -22.61
CA ARG A 194 8.99 10.55 -23.80
C ARG A 194 7.86 9.79 -24.49
N SER A 195 6.95 9.17 -23.71
CA SER A 195 5.86 8.44 -24.33
C SER A 195 4.97 9.39 -25.12
N LYS A 196 4.80 10.59 -24.57
CA LYS A 196 4.02 11.63 -25.23
C LYS A 196 4.72 12.10 -26.50
N GLU A 197 6.04 12.35 -26.42
CA GLU A 197 6.83 12.72 -27.60
C GLU A 197 6.75 11.69 -28.73
N LEU A 198 6.71 10.41 -28.37
CA LEU A 198 6.72 9.34 -29.36
C LEU A 198 5.34 8.86 -29.78
N GLY A 199 4.30 9.25 -29.04
CA GLY A 199 2.92 8.84 -29.32
C GLY A 199 2.65 7.37 -29.01
N ILE A 200 3.40 6.86 -28.05
CA ILE A 200 3.32 5.45 -27.64
C ILE A 200 2.66 5.39 -26.27
N PRO A 201 1.66 4.49 -26.10
CA PRO A 201 1.01 4.37 -24.80
C PRO A 201 1.97 4.00 -23.67
N GLY A 202 1.76 4.63 -22.52
CA GLY A 202 2.65 4.45 -21.37
C GLY A 202 1.99 3.72 -20.22
N ILE A 203 2.85 3.22 -19.34
CA ILE A 203 2.44 2.53 -18.12
C ILE A 203 2.77 3.44 -16.94
N PRO A 204 1.75 3.81 -16.13
CA PRO A 204 1.95 4.69 -15.00
C PRO A 204 2.71 4.01 -13.88
N ASN A 205 3.53 4.77 -13.15
CA ASN A 205 4.22 4.27 -11.99
C ASN A 205 3.34 3.42 -11.06
N ILE A 206 2.11 3.86 -10.87
CA ILE A 206 1.16 3.20 -9.96
C ILE A 206 0.84 1.76 -10.29
N CYS A 207 1.02 1.38 -11.56
CA CYS A 207 0.83 -0.01 -11.95
C CYS A 207 1.66 -0.95 -11.06
N GLU A 208 2.89 -0.53 -10.74
CA GLU A 208 3.81 -1.31 -9.94
C GLU A 208 3.67 -1.08 -8.43
N SER A 209 3.74 0.19 -8.00
CA SER A 209 3.77 0.52 -6.59
C SER A 209 2.55 0.05 -5.79
N VAL A 210 1.37 0.08 -6.39
CA VAL A 210 0.19 -0.32 -5.62
C VAL A 210 0.24 -1.79 -5.25
N GLN A 211 0.86 -2.62 -6.10
CA GLN A 211 0.93 -4.03 -5.75
C GLN A 211 1.93 -4.20 -4.61
N ILE A 212 3.08 -3.56 -4.71
CA ILE A 212 4.05 -3.64 -3.63
C ILE A 212 3.40 -3.23 -2.33
N ALA A 213 2.68 -2.11 -2.33
CA ALA A 213 2.06 -1.59 -1.10
C ALA A 213 1.05 -2.57 -0.48
N ARG A 214 0.28 -3.25 -1.33
CA ARG A 214 -0.63 -4.34 -0.88
C ARG A 214 0.14 -5.57 -0.32
N ASP A 215 1.08 -6.08 -1.10
CA ASP A 215 1.81 -7.32 -0.78
C ASP A 215 2.63 -7.19 0.52
N VAL A 216 3.24 -6.04 0.78
CA VAL A 216 4.03 -5.94 2.03
C VAL A 216 3.13 -6.10 3.28
N LEU A 217 1.88 -5.65 3.18
CA LEU A 217 0.92 -5.81 4.27
C LEU A 217 0.38 -7.24 4.33
N LEU A 218 0.24 -7.87 3.16
CA LEU A 218 -0.16 -9.26 3.15
C LEU A 218 0.98 -10.09 3.69
N ALA A 219 2.22 -9.73 3.35
CA ALA A 219 3.36 -10.50 3.83
C ALA A 219 3.49 -10.39 5.32
N GLU A 220 3.25 -9.19 5.84
CA GLU A 220 3.37 -8.92 7.28
C GLU A 220 2.35 -9.77 8.07
N ALA A 221 1.14 -9.90 7.55
CA ALA A 221 0.09 -10.66 8.21
C ALA A 221 0.35 -12.18 8.13
N ALA A 222 0.88 -12.62 7.00
CA ALA A 222 1.22 -14.04 6.79
C ALA A 222 2.53 -14.45 7.46
N GLY A 223 3.40 -13.47 7.74
CA GLY A 223 4.71 -13.68 8.37
C GLY A 223 5.66 -14.36 7.39
N CYS A 224 5.67 -13.89 6.14
N CYS A 224 5.71 -13.82 6.19
CA CYS A 224 6.47 -14.55 5.12
CA CYS A 224 6.40 -14.44 5.09
C CYS A 224 7.41 -13.58 4.45
C CYS A 224 7.70 -13.70 4.78
N HIS A 225 8.39 -14.16 3.75
CA HIS A 225 9.47 -13.41 3.13
C HIS A 225 8.89 -13.05 1.79
N TYR A 226 8.80 -11.74 1.55
CA TYR A 226 8.26 -11.24 0.29
C TYR A 226 9.40 -10.56 -0.46
N HIS A 227 9.59 -10.90 -1.74
CA HIS A 227 10.70 -10.28 -2.51
C HIS A 227 10.14 -9.53 -3.69
N VAL A 228 10.50 -8.26 -3.84
CA VAL A 228 10.01 -7.50 -5.00
C VAL A 228 10.98 -7.62 -6.16
N CYS A 229 10.50 -8.12 -7.31
CA CYS A 229 11.31 -8.18 -8.53
C CYS A 229 11.59 -6.81 -9.14
N HIS A 230 12.70 -6.70 -9.86
CA HIS A 230 13.09 -5.49 -10.61
C HIS A 230 12.24 -4.25 -10.32
N VAL A 231 12.61 -3.53 -9.25
CA VAL A 231 11.97 -2.27 -8.89
C VAL A 231 12.31 -1.20 -9.94
N SER A 232 11.33 -0.36 -10.30
CA SER A 232 11.58 0.67 -11.31
C SER A 232 11.13 2.09 -10.94
N THR A 233 10.23 2.25 -9.95
CA THR A 233 9.69 3.58 -9.66
C THR A 233 10.14 4.17 -8.33
N LYS A 234 10.15 5.48 -8.24
CA LYS A 234 10.56 6.16 -7.02
C LYS A 234 9.62 5.87 -5.85
N GLU A 235 8.33 5.71 -6.14
CA GLU A 235 7.36 5.41 -5.08
C GLU A 235 7.50 3.97 -4.57
N SER A 236 7.71 3.02 -5.48
CA SER A 236 8.03 1.64 -5.07
C SER A 236 9.17 1.62 -4.03
N VAL A 237 10.24 2.37 -4.30
CA VAL A 237 11.35 2.36 -3.38
C VAL A 237 10.92 2.90 -2.02
N ARG A 238 10.05 3.91 -2.03
CA ARG A 238 9.57 4.50 -0.76
C ARG A 238 8.76 3.49 0.02
N VAL A 239 7.87 2.79 -0.68
CA VAL A 239 7.06 1.81 -0.02
C VAL A 239 7.85 0.67 0.60
N ILE A 240 8.98 0.30 -0.03
CA ILE A 240 9.81 -0.79 0.46
C ILE A 240 10.59 -0.32 1.69
N ARG A 241 11.17 0.87 1.59
CA ARG A 241 11.82 1.52 2.71
C ARG A 241 10.90 1.62 3.94
N ASP A 242 9.67 2.10 3.76
CA ASP A 242 8.68 2.14 4.86
C ASP A 242 8.31 0.76 5.41
N ALA A 243 8.18 -0.23 4.51
CA ALA A 243 7.90 -1.61 4.91
C ALA A 243 9.04 -2.23 5.70
N LYS A 244 10.30 -2.00 5.29
CA LYS A 244 11.44 -2.53 6.03
C LYS A 244 11.57 -1.85 7.41
N ARG A 245 11.26 -0.55 7.45
CA ARG A 245 11.27 0.18 8.72
C ARG A 245 10.21 -0.33 9.71
N ALA A 246 9.09 -0.85 9.19
CA ALA A 246 8.02 -1.45 10.01
C ALA A 246 8.35 -2.88 10.48
N GLY A 247 9.52 -3.39 10.08
CA GLY A 247 9.96 -4.73 10.50
C GLY A 247 9.40 -5.85 9.65
N ILE A 248 8.91 -5.53 8.45
CA ILE A 248 8.33 -6.55 7.53
C ILE A 248 9.49 -7.16 6.74
N HIS A 249 9.48 -8.49 6.58
CA HIS A 249 10.50 -9.19 5.80
C HIS A 249 10.25 -9.09 4.29
N VAL A 250 10.57 -7.93 3.74
CA VAL A 250 10.49 -7.68 2.31
C VAL A 250 11.91 -7.43 1.86
N THR A 251 12.26 -7.92 0.68
CA THR A 251 13.58 -7.65 0.09
C THR A 251 13.28 -7.27 -1.34
N ALA A 252 14.28 -6.73 -2.04
CA ALA A 252 14.02 -6.26 -3.39
C ALA A 252 15.27 -6.28 -4.22
N GLU A 253 15.09 -6.34 -5.55
CA GLU A 253 16.24 -6.36 -6.49
C GLU A 253 16.10 -5.23 -7.52
N VAL A 254 17.20 -4.83 -8.16
CA VAL A 254 17.12 -3.85 -9.25
C VAL A 254 17.96 -4.41 -10.41
N THR A 255 17.58 -4.13 -11.66
CA THR A 255 18.31 -4.68 -12.83
C THR A 255 19.41 -3.74 -13.30
N PRO A 256 20.41 -4.24 -14.06
CA PRO A 256 21.43 -3.30 -14.56
C PRO A 256 20.89 -2.17 -15.46
N HIS A 257 19.91 -2.49 -16.31
CA HIS A 257 19.37 -1.49 -17.21
C HIS A 257 18.59 -0.39 -16.49
N HIS A 258 17.94 -0.71 -15.36
CA HIS A 258 17.19 0.31 -14.64
C HIS A 258 18.15 1.23 -13.84
N LEU A 259 19.35 0.75 -13.55
CA LEU A 259 20.40 1.56 -12.90
C LEU A 259 21.10 2.44 -13.91
N LEU A 260 21.10 2.02 -15.17
CA LEU A 260 21.90 2.72 -16.18
C LEU A 260 21.14 3.57 -17.17
N LEU A 261 19.87 3.29 -17.40
CA LEU A 261 19.12 3.98 -18.44
C LEU A 261 17.78 4.55 -17.98
N THR A 262 17.30 5.57 -18.68
CA THR A 262 15.97 6.11 -18.40
C THR A 262 15.21 6.22 -19.71
N GLU A 263 13.99 6.74 -19.62
CA GLU A 263 13.13 7.00 -20.77
C GLU A 263 13.86 7.89 -21.79
N ASP A 264 14.73 8.78 -21.33
CA ASP A 264 15.45 9.70 -22.20
C ASP A 264 16.42 9.01 -23.15
N ASP A 265 16.80 7.78 -22.81
CA ASP A 265 17.74 7.01 -23.63
C ASP A 265 17.06 6.29 -24.80
N ILE A 266 15.73 6.31 -24.84
CA ILE A 266 14.98 5.66 -25.90
C ILE A 266 15.00 6.58 -27.11
N PRO A 267 15.69 6.16 -28.19
CA PRO A 267 15.89 7.01 -29.38
C PRO A 267 14.66 7.17 -30.28
N GLY A 268 13.69 6.28 -30.14
CA GLY A 268 12.49 6.35 -30.97
C GLY A 268 11.65 5.12 -30.72
N ASN A 269 10.70 4.86 -31.62
CA ASN A 269 9.85 3.68 -31.48
C ASN A 269 10.73 2.47 -31.75
N ASN A 270 11.39 1.98 -30.70
CA ASN A 270 12.33 0.87 -30.83
C ASN A 270 12.15 -0.16 -29.72
N ALA A 271 11.62 -1.32 -30.10
CA ALA A 271 11.31 -2.41 -29.14
C ALA A 271 12.55 -2.99 -28.45
N ILE A 272 13.73 -2.65 -28.94
CA ILE A 272 14.94 -3.06 -28.27
C ILE A 272 15.00 -2.41 -26.89
N TYR A 273 14.31 -1.29 -26.75
CA TYR A 273 14.22 -0.55 -25.48
C TYR A 273 12.94 -0.87 -24.72
N LYS A 274 12.21 -1.88 -25.19
CA LYS A 274 10.97 -2.29 -24.55
C LYS A 274 11.18 -3.44 -23.55
N MSE A 275 11.14 -3.13 -22.26
CA MSE A 275 11.06 -4.19 -21.25
C MSE A 275 10.03 -3.85 -20.14
O MSE A 275 9.48 -2.75 -20.10
CB MSE A 275 12.45 -4.58 -20.69
CG MSE A 275 12.93 -3.75 -19.54
SE MSE A 275 13.14 -1.89 -19.99
CE MSE A 275 14.70 -2.04 -21.20
N ASN A 276 9.76 -4.82 -19.27
CA ASN A 276 8.74 -4.66 -18.22
C ASN A 276 9.38 -5.03 -16.91
N PRO A 277 9.49 -4.09 -15.95
CA PRO A 277 9.02 -2.70 -15.98
C PRO A 277 9.83 -1.87 -16.97
N PRO A 278 9.23 -0.77 -17.48
CA PRO A 278 9.92 0.07 -18.46
C PRO A 278 11.01 0.89 -17.84
N LEU A 279 11.83 1.52 -18.70
CA LEU A 279 12.83 2.49 -18.23
C LEU A 279 12.05 3.77 -17.95
N ARG A 280 12.15 4.25 -16.71
CA ARG A 280 11.33 5.36 -16.25
C ARG A 280 12.09 6.68 -16.22
N SER A 281 11.70 7.62 -15.38
CA SER A 281 12.29 8.95 -15.45
C SER A 281 13.64 9.02 -14.73
N THR A 282 14.36 10.11 -14.97
CA THR A 282 15.60 10.45 -14.25
C THR A 282 15.37 10.43 -12.72
N GLU A 283 14.18 10.86 -12.28
CA GLU A 283 13.86 10.90 -10.84
C GLU A 283 13.69 9.49 -10.28
N ASP A 284 13.11 8.61 -11.09
CA ASP A 284 12.92 7.23 -10.73
C ASP A 284 14.29 6.53 -10.57
N ARG A 285 15.15 6.67 -11.58
CA ARG A 285 16.49 6.09 -11.56
C ARG A 285 17.30 6.57 -10.39
N GLU A 286 17.18 7.86 -10.09
CA GLU A 286 17.89 8.42 -8.94
C GLU A 286 17.40 7.75 -7.65
N ALA A 287 16.11 7.41 -7.60
CA ALA A 287 15.55 6.74 -6.42
C ALA A 287 16.08 5.32 -6.25
N LEU A 288 16.21 4.62 -7.37
CA LEU A 288 16.65 3.23 -7.38
C LEU A 288 18.09 3.14 -6.91
N LEU A 289 18.91 4.04 -7.44
CA LEU A 289 20.31 4.12 -7.12
C LEU A 289 20.47 4.42 -5.64
N GLU A 290 19.70 5.41 -5.16
CA GLU A 290 19.71 5.74 -3.75
C GLU A 290 19.27 4.53 -2.93
N GLY A 291 18.28 3.79 -3.41
CA GLY A 291 17.76 2.65 -2.66
C GLY A 291 18.70 1.47 -2.61
N LEU A 292 19.43 1.23 -3.69
CA LEU A 292 20.42 0.17 -3.70
C LEU A 292 21.53 0.53 -2.73
N LEU A 293 21.94 1.80 -2.78
CA LEU A 293 23.01 2.28 -1.92
C LEU A 293 22.73 2.29 -0.40
N ASP A 294 21.51 2.67 0.01
CA ASP A 294 21.16 2.67 1.44
C ASP A 294 20.58 1.32 1.91
N GLY A 295 20.50 0.33 1.01
CA GLY A 295 20.10 -1.04 1.38
C GLY A 295 18.62 -1.37 1.26
N THR A 296 17.83 -0.40 0.83
CA THR A 296 16.40 -0.59 0.67
C THR A 296 16.20 -1.65 -0.42
N ILE A 297 17.01 -1.55 -1.47
CA ILE A 297 17.08 -2.56 -2.51
C ILE A 297 18.26 -3.46 -2.15
N ASP A 298 18.01 -4.75 -2.05
CA ASP A 298 19.02 -5.68 -1.53
C ASP A 298 20.14 -6.08 -2.48
N CYS A 299 19.79 -6.35 -3.74
CA CYS A 299 20.79 -6.86 -4.67
C CYS A 299 20.45 -6.50 -6.10
N ILE A 300 21.31 -6.93 -7.03
CA ILE A 300 21.06 -6.76 -8.47
C ILE A 300 20.67 -8.11 -9.07
N ALA A 301 19.74 -8.10 -10.01
CA ALA A 301 19.34 -9.30 -10.76
C ALA A 301 19.05 -8.83 -12.17
N THR A 302 19.30 -9.66 -13.18
CA THR A 302 19.25 -9.17 -14.58
C THR A 302 17.91 -9.12 -15.30
N ASP A 303 16.99 -10.03 -14.94
CA ASP A 303 15.76 -10.22 -15.71
C ASP A 303 16.13 -10.49 -17.17
N HIS A 304 17.17 -11.29 -17.38
CA HIS A 304 17.61 -11.75 -18.70
C HIS A 304 16.36 -12.26 -19.42
N ALA A 305 15.96 -11.59 -20.50
CA ALA A 305 14.69 -11.90 -21.16
C ALA A 305 14.83 -12.05 -22.69
N PRO A 306 15.43 -13.15 -23.14
CA PRO A 306 15.70 -13.39 -24.54
C PRO A 306 14.42 -13.50 -25.36
N HIS A 307 14.46 -12.91 -26.57
CA HIS A 307 13.40 -12.97 -27.56
C HIS A 307 14.03 -13.08 -28.94
N ALA A 308 13.25 -13.57 -29.90
CA ALA A 308 13.74 -13.75 -31.27
C ALA A 308 13.92 -12.41 -31.97
N ARG A 309 14.78 -12.39 -33.00
CA ARG A 309 15.08 -11.15 -33.73
C ARG A 309 13.87 -10.50 -34.40
N ASP A 310 13.06 -11.29 -35.12
CA ASP A 310 11.90 -10.76 -35.84
C ASP A 310 10.83 -10.21 -34.89
N GLU A 311 10.78 -10.78 -33.70
CA GLU A 311 9.87 -10.36 -32.64
C GLU A 311 10.20 -8.98 -32.11
N LYS A 312 11.48 -8.75 -31.90
CA LYS A 312 11.95 -7.51 -31.31
C LYS A 312 12.21 -6.44 -32.36
N ALA A 313 12.05 -6.80 -33.63
CA ALA A 313 12.18 -5.85 -34.72
C ALA A 313 10.89 -5.05 -34.93
N GLN A 314 9.78 -5.56 -34.38
CA GLN A 314 8.46 -4.92 -34.53
C GLN A 314 8.34 -3.63 -33.70
N PRO A 315 7.33 -2.77 -34.03
CA PRO A 315 7.12 -1.56 -33.24
C PRO A 315 6.84 -1.89 -31.78
N MSE A 316 7.17 -0.98 -30.86
CA MSE A 316 6.95 -1.19 -29.43
C MSE A 316 5.54 -1.60 -29.07
O MSE A 316 5.34 -2.29 -28.10
CB MSE A 316 7.29 0.07 -28.62
CG MSE A 316 8.73 0.42 -28.64
SE MSE A 316 9.08 1.91 -27.46
CE MSE A 316 9.05 0.95 -25.78
N GLU A 317 4.55 -1.18 -29.85
CA GLU A 317 3.18 -1.51 -29.50
C GLU A 317 2.86 -2.98 -29.73
N LYS A 318 3.65 -3.65 -30.57
CA LYS A 318 3.46 -5.07 -30.92
C LYS A 318 4.51 -6.03 -30.34
N ALA A 319 5.71 -5.55 -30.09
CA ALA A 319 6.81 -6.39 -29.65
C ALA A 319 6.71 -6.90 -28.21
N PRO A 320 7.28 -8.09 -27.93
CA PRO A 320 7.32 -8.56 -26.56
C PRO A 320 8.24 -7.70 -25.69
N PHE A 321 8.01 -7.78 -24.38
CA PHE A 321 8.80 -7.06 -23.42
C PHE A 321 10.03 -7.89 -23.03
N GLY A 322 11.20 -7.27 -23.02
CA GLY A 322 12.37 -7.94 -22.47
C GLY A 322 13.66 -7.70 -23.20
N ILE A 323 14.75 -7.61 -22.44
CA ILE A 323 16.11 -7.53 -23.00
C ILE A 323 17.01 -8.60 -22.35
N VAL A 324 18.00 -9.09 -23.11
CA VAL A 324 18.98 -10.04 -22.55
C VAL A 324 19.94 -9.26 -21.66
N GLY A 325 20.53 -9.93 -20.67
CA GLY A 325 21.40 -9.23 -19.73
C GLY A 325 22.45 -10.03 -18.99
N SER A 326 22.45 -11.34 -19.13
CA SER A 326 23.43 -12.17 -18.40
C SER A 326 24.86 -11.89 -18.80
N GLU A 327 25.09 -11.70 -20.10
CA GLU A 327 26.45 -11.56 -20.63
C GLU A 327 27.03 -10.16 -20.47
N THR A 328 26.16 -9.18 -20.24
CA THR A 328 26.58 -7.78 -20.19
C THR A 328 26.48 -7.12 -18.81
N ALA A 329 25.82 -7.77 -17.86
CA ALA A 329 25.60 -7.19 -16.53
C ALA A 329 26.85 -6.63 -15.82
N PHE A 330 27.81 -7.48 -15.48
CA PHE A 330 29.01 -7.01 -14.78
C PHE A 330 29.86 -6.00 -15.55
N PRO A 331 30.18 -6.28 -16.83
CA PRO A 331 31.03 -5.33 -17.56
C PRO A 331 30.41 -3.93 -17.66
N LEU A 332 29.08 -3.86 -17.88
CA LEU A 332 28.41 -2.58 -17.94
C LEU A 332 28.50 -1.87 -16.61
N LEU A 333 28.14 -2.56 -15.54
CA LEU A 333 28.14 -1.96 -14.20
C LEU A 333 29.54 -1.61 -13.72
N TYR A 334 30.51 -2.49 -13.98
CA TYR A 334 31.89 -2.23 -13.61
C TYR A 334 32.44 -1.00 -14.32
N THR A 335 32.18 -0.88 -15.62
CA THR A 335 32.67 0.25 -16.40
C THR A 335 32.03 1.59 -15.98
N HIS A 336 30.72 1.58 -15.76
CA HIS A 336 30.00 2.81 -15.44
C HIS A 336 30.24 3.31 -14.02
N PHE A 337 30.09 2.42 -13.05
CA PHE A 337 30.09 2.79 -11.64
C PHE A 337 31.41 2.61 -10.91
N VAL A 338 32.21 1.64 -11.33
CA VAL A 338 33.48 1.37 -10.67
C VAL A 338 34.64 2.07 -11.35
N LYS A 339 34.86 1.76 -12.63
CA LYS A 339 35.93 2.39 -13.38
C LYS A 339 35.65 3.89 -13.56
N ASN A 340 34.40 4.22 -13.88
CA ASN A 340 34.01 5.61 -14.15
C ASN A 340 33.13 6.28 -13.07
N GLY A 341 33.19 5.80 -11.83
CA GLY A 341 32.43 6.41 -10.75
C GLY A 341 32.82 6.06 -9.34
N ASP A 342 31.89 6.27 -8.40
CA ASP A 342 32.12 6.11 -6.96
C ASP A 342 32.13 4.69 -6.35
N TRP A 343 31.56 3.71 -7.04
CA TRP A 343 31.47 2.35 -6.49
C TRP A 343 32.83 1.70 -6.41
N THR A 344 33.02 0.79 -5.45
CA THR A 344 34.25 0.01 -5.36
C THR A 344 33.99 -1.33 -6.02
N LEU A 345 35.05 -1.98 -6.47
CA LEU A 345 34.92 -3.31 -7.06
C LEU A 345 34.19 -4.25 -6.09
N GLN A 346 34.54 -4.11 -4.80
CA GLN A 346 33.96 -4.91 -3.72
C GLN A 346 32.46 -4.69 -3.62
N GLN A 347 32.07 -3.42 -3.59
CA GLN A 347 30.65 -3.02 -3.55
C GLN A 347 29.89 -3.59 -4.73
N LEU A 348 30.47 -3.50 -5.94
CA LEU A 348 29.78 -4.06 -7.10
C LEU A 348 29.66 -5.59 -7.00
N VAL A 349 30.77 -6.26 -6.69
CA VAL A 349 30.78 -7.72 -6.56
C VAL A 349 29.74 -8.20 -5.53
N ASP A 350 29.66 -7.53 -4.36
CA ASP A 350 28.66 -7.89 -3.34
C ASP A 350 27.23 -7.89 -3.86
N TYR A 351 26.82 -6.87 -4.63
CA TYR A 351 25.44 -6.85 -5.19
C TYR A 351 25.11 -8.06 -6.04
N LEU A 352 26.15 -8.72 -6.57
CA LEU A 352 25.97 -9.84 -7.51
C LEU A 352 26.28 -11.23 -6.94
N THR A 353 26.76 -11.27 -5.69
CA THR A 353 27.19 -12.53 -5.09
C THR A 353 26.57 -12.77 -3.71
N ILE A 354 27.18 -12.16 -2.69
CA ILE A 354 26.74 -12.35 -1.30
C ILE A 354 25.32 -11.82 -1.00
N LYS A 355 24.99 -10.65 -1.54
CA LYS A 355 23.66 -10.04 -1.30
C LYS A 355 22.48 -10.83 -1.84
N PRO A 356 22.56 -11.32 -3.10
CA PRO A 356 21.54 -12.26 -3.53
C PRO A 356 21.44 -13.47 -2.60
N CYS A 357 22.59 -13.99 -2.18
CA CYS A 357 22.64 -15.16 -1.31
C CYS A 357 22.10 -14.90 0.09
N GLU A 358 22.46 -13.76 0.69
CA GLU A 358 21.92 -13.37 1.99
C GLU A 358 20.40 -13.19 1.93
N THR A 359 19.90 -12.70 0.79
CA THR A 359 18.46 -12.44 0.60
C THR A 359 17.63 -13.72 0.65
N PHE A 360 18.15 -14.79 0.05
CA PHE A 360 17.43 -16.05 0.00
C PHE A 360 18.04 -17.16 0.84
N ASN A 361 18.91 -16.77 1.76
CA ASN A 361 19.58 -17.70 2.67
C ASN A 361 20.29 -18.83 1.91
N LEU A 362 21.04 -18.44 0.88
CA LEU A 362 21.78 -19.38 0.04
C LEU A 362 23.21 -19.47 0.53
N GLU A 363 23.84 -20.60 0.23
CA GLU A 363 25.20 -20.88 0.71
C GLU A 363 26.34 -20.44 -0.22
N TYR A 364 26.00 -19.87 -1.37
CA TYR A 364 27.00 -19.49 -2.38
C TYR A 364 27.47 -18.05 -2.19
N GLY A 365 28.06 -17.47 -3.23
CA GLY A 365 28.43 -16.04 -3.22
C GLY A 365 29.76 -15.70 -2.57
N THR A 366 30.42 -16.72 -2.04
CA THR A 366 31.70 -16.49 -1.40
C THR A 366 32.79 -17.28 -2.08
N LEU A 367 34.01 -16.74 -1.93
CA LEU A 367 35.20 -17.38 -2.43
C LEU A 367 35.94 -17.75 -1.16
N LYS A 368 35.57 -18.90 -0.58
CA LYS A 368 36.17 -19.35 0.66
C LYS A 368 36.61 -20.80 0.48
N GLU A 369 37.56 -21.23 1.33
CA GLU A 369 37.94 -22.65 1.32
C GLU A 369 36.81 -23.47 1.94
N ASN A 370 36.50 -24.56 1.28
CA ASN A 370 35.43 -25.52 1.62
C ASN A 370 34.11 -25.15 0.97
N GLY A 371 34.10 -23.97 0.35
CA GLY A 371 32.99 -23.56 -0.46
C GLY A 371 33.16 -24.27 -1.80
N TYR A 372 32.09 -24.31 -2.60
CA TYR A 372 32.16 -24.87 -3.94
C TYR A 372 33.16 -24.08 -4.77
N ALA A 373 33.78 -24.76 -5.74
CA ALA A 373 34.64 -24.08 -6.69
C ALA A 373 33.76 -23.40 -7.74
N ASP A 374 33.04 -22.36 -7.28
CA ASP A 374 32.17 -21.51 -8.11
C ASP A 374 32.90 -20.20 -8.31
N LEU A 375 33.53 -20.05 -9.47
CA LEU A 375 34.41 -18.92 -9.74
C LEU A 375 34.31 -18.38 -11.14
N THR A 376 34.69 -17.11 -11.29
CA THR A 376 34.86 -16.50 -12.60
C THR A 376 36.13 -15.67 -12.61
N ILE A 377 36.86 -15.78 -13.71
CA ILE A 377 38.07 -15.00 -13.90
C ILE A 377 37.70 -13.87 -14.85
N ILE A 378 38.06 -12.65 -14.43
CA ILE A 378 37.66 -11.45 -15.13
C ILE A 378 38.84 -10.56 -15.52
N ASP A 379 38.85 -10.11 -16.77
CA ASP A 379 39.85 -9.16 -17.29
C ASP A 379 39.38 -7.72 -17.06
N LEU A 380 39.95 -7.08 -16.03
CA LEU A 380 39.60 -5.72 -15.61
C LEU A 380 40.14 -4.58 -16.47
N ASP A 381 41.27 -4.79 -17.14
CA ASP A 381 41.96 -3.70 -17.84
C ASP A 381 41.92 -3.65 -19.36
N SER A 382 41.25 -4.58 -20.02
CA SER A 382 41.16 -4.52 -21.47
C SER A 382 39.74 -4.18 -21.91
N GLU A 383 39.62 -3.37 -22.95
CA GLU A 383 38.33 -2.92 -23.43
C GLU A 383 37.80 -3.79 -24.56
N GLN A 384 36.53 -4.16 -24.46
CA GLN A 384 35.84 -4.94 -25.49
C GLN A 384 34.55 -4.25 -25.89
N GLU A 385 34.17 -4.34 -27.17
CA GLU A 385 32.91 -3.78 -27.64
C GLU A 385 31.83 -4.85 -27.59
N ILE A 386 30.68 -4.52 -27.03
CA ILE A 386 29.58 -5.47 -26.92
C ILE A 386 28.97 -5.73 -28.30
N LYS A 387 28.96 -6.99 -28.72
CA LYS A 387 28.48 -7.39 -30.05
C LYS A 387 27.61 -8.63 -29.95
N GLY A 388 26.51 -8.66 -30.72
CA GLY A 388 25.59 -9.80 -30.73
C GLY A 388 26.24 -11.10 -31.19
N GLU A 389 27.23 -10.95 -32.07
CA GLU A 389 28.08 -12.04 -32.57
C GLU A 389 28.77 -12.83 -31.44
N ASP A 390 29.11 -12.14 -30.36
CA ASP A 390 29.79 -12.76 -29.21
C ASP A 390 28.85 -13.42 -28.19
N PHE A 391 27.57 -13.13 -28.26
CA PHE A 391 26.60 -13.68 -27.30
C PHE A 391 26.46 -15.17 -27.43
N LEU A 392 26.56 -15.88 -26.30
CA LEU A 392 26.34 -17.33 -26.27
C LEU A 392 24.84 -17.62 -26.18
N SER A 393 24.08 -16.63 -25.73
CA SER A 393 22.61 -16.68 -25.77
C SER A 393 22.17 -16.80 -27.24
N LYS A 394 21.01 -17.41 -27.49
CA LYS A 394 20.46 -17.45 -28.84
C LYS A 394 20.00 -16.07 -29.31
N ALA A 395 19.76 -15.17 -28.35
CA ALA A 395 19.18 -13.86 -28.65
C ALA A 395 20.16 -12.70 -28.56
N ASP A 396 19.77 -11.55 -29.14
CA ASP A 396 20.60 -10.34 -29.08
C ASP A 396 19.81 -9.06 -28.87
N ASN A 397 18.62 -9.19 -28.28
CA ASN A 397 17.74 -8.06 -28.03
C ASN A 397 18.22 -7.26 -26.82
N THR A 398 19.11 -6.30 -27.05
CA THR A 398 19.64 -5.43 -26.00
C THR A 398 20.05 -4.05 -26.50
N PRO A 399 19.78 -3.00 -25.70
CA PRO A 399 20.21 -1.67 -26.12
C PRO A 399 21.68 -1.41 -25.87
N PHE A 400 22.38 -2.38 -25.29
CA PHE A 400 23.78 -2.20 -24.91
C PHE A 400 24.81 -2.60 -25.95
N ILE A 401 24.33 -3.06 -27.10
CA ILE A 401 25.19 -3.38 -28.22
C ILE A 401 25.92 -2.13 -28.70
N GLY A 402 27.24 -2.22 -28.80
CA GLY A 402 28.05 -1.09 -29.24
C GLY A 402 28.79 -0.44 -28.07
N TYR A 403 28.28 -0.63 -26.85
CA TYR A 403 28.94 -0.08 -25.66
C TYR A 403 30.35 -0.64 -25.52
N LYS A 404 31.30 0.18 -25.11
CA LYS A 404 32.66 -0.30 -24.89
C LYS A 404 32.84 -0.52 -23.39
N VAL A 405 33.22 -1.74 -23.00
CA VAL A 405 33.30 -2.09 -21.59
C VAL A 405 34.55 -2.81 -21.12
N TYR A 406 34.90 -2.53 -19.86
CA TYR A 406 35.97 -3.20 -19.13
C TYR A 406 35.33 -4.20 -18.17
N GLY A 407 36.16 -5.04 -17.55
CA GLY A 407 35.67 -6.05 -16.59
C GLY A 407 34.93 -7.19 -17.26
N ASN A 408 35.58 -7.81 -18.24
CA ASN A 408 35.00 -8.92 -19.00
C ASN A 408 35.46 -10.30 -18.54
N PRO A 409 34.50 -11.17 -18.16
CA PRO A 409 34.84 -12.54 -17.77
C PRO A 409 35.54 -13.31 -18.91
N ILE A 410 36.56 -14.07 -18.55
CA ILE A 410 37.32 -14.85 -19.53
C ILE A 410 37.29 -16.34 -19.20
N LEU A 411 36.70 -16.68 -18.05
CA LEU A 411 36.61 -18.06 -17.58
C LEU A 411 35.64 -18.19 -16.41
N THR A 412 34.73 -19.15 -16.50
CA THR A 412 33.78 -19.42 -15.44
C THR A 412 33.77 -20.91 -15.13
N MSE A 413 33.83 -21.22 -13.84
CA MSE A 413 33.88 -22.57 -13.34
C MSE A 413 32.74 -22.84 -12.37
O MSE A 413 32.50 -22.01 -11.49
CB MSE A 413 35.22 -22.77 -12.64
CG MSE A 413 35.37 -24.04 -11.85
SE MSE A 413 37.15 -24.06 -11.02
CE MSE A 413 36.92 -22.52 -9.87
N VAL A 414 32.04 -23.96 -12.55
CA VAL A 414 30.92 -24.35 -11.68
C VAL A 414 31.20 -25.72 -11.05
N GLU A 415 31.36 -25.73 -9.73
CA GLU A 415 31.71 -26.95 -8.98
C GLU A 415 32.94 -27.63 -9.56
N GLY A 416 33.97 -26.83 -9.79
CA GLY A 416 35.25 -27.32 -10.31
C GLY A 416 35.32 -27.64 -11.79
N GLU A 417 34.23 -27.46 -12.52
CA GLU A 417 34.23 -27.74 -13.95
C GLU A 417 34.21 -26.46 -14.78
N VAL A 418 35.26 -26.23 -15.56
CA VAL A 418 35.34 -25.09 -16.46
C VAL A 418 34.12 -25.14 -17.38
N LYS A 419 33.29 -24.11 -17.29
CA LYS A 419 32.03 -24.02 -18.02
C LYS A 419 32.02 -22.99 -19.13
N PHE A 420 33.01 -22.09 -19.10
CA PHE A 420 33.21 -21.07 -20.12
C PHE A 420 34.67 -20.68 -20.17
N GLU A 421 35.18 -20.53 -21.39
CA GLU A 421 36.51 -20.03 -21.61
C GLU A 421 36.48 -19.13 -22.85
N GLY A 422 36.71 -17.82 -22.65
CA GLY A 422 36.68 -16.85 -23.74
C GLY A 422 37.86 -16.99 -24.68
N MSE B 1 -33.36 39.10 17.52
CA MSE B 1 -32.00 39.05 18.11
C MSE B 1 -31.91 38.30 19.43
O MSE B 1 -32.86 38.30 20.22
CB MSE B 1 -31.43 40.46 18.29
CG MSE B 1 -30.97 41.10 16.99
SE MSE B 1 -29.59 42.43 17.31
CE MSE B 1 -28.06 41.30 17.76
N LYS B 2 -30.75 37.68 19.66
CA LYS B 2 -30.54 36.84 20.84
C LYS B 2 -29.24 37.17 21.57
N LEU B 3 -29.25 37.02 22.89
CA LEU B 3 -28.05 37.23 23.70
C LEU B 3 -27.85 36.11 24.71
N ILE B 4 -26.74 35.38 24.55
CA ILE B 4 -26.37 34.32 25.47
C ILE B 4 -25.39 34.87 26.50
N LYS B 5 -25.84 35.01 27.73
CA LYS B 5 -25.02 35.62 28.78
C LYS B 5 -24.53 34.64 29.84
N ASN B 6 -23.41 35.01 30.46
CA ASN B 6 -22.81 34.26 31.58
C ASN B 6 -22.36 32.84 31.22
N GLY B 7 -22.03 32.63 29.95
CA GLY B 7 -21.49 31.36 29.52
C GLY B 7 -19.99 31.50 29.45
N LYS B 8 -19.31 30.38 29.37
CA LYS B 8 -17.87 30.37 29.18
C LYS B 8 -17.58 29.83 27.78
N VAL B 9 -16.64 30.45 27.09
CA VAL B 9 -16.27 30.03 25.75
C VAL B 9 -14.77 29.79 25.73
N LEU B 10 -14.35 28.88 24.85
CA LEU B 10 -12.93 28.59 24.69
C LEU B 10 -12.21 29.70 23.91
N GLN B 11 -11.25 30.33 24.58
CA GLN B 11 -10.40 31.31 23.93
C GLN B 11 -9.07 31.37 24.65
N ASN B 12 -7.99 31.45 23.85
CA ASN B 12 -6.61 31.40 24.33
C ASN B 12 -6.27 30.04 24.99
N GLY B 13 -7.06 29.02 24.67
CA GLY B 13 -6.81 27.67 25.16
C GLY B 13 -7.81 27.13 26.17
N GLU B 14 -8.44 28.00 26.96
CA GLU B 14 -9.39 27.56 27.98
C GLU B 14 -10.67 28.41 28.06
N LEU B 15 -11.58 27.99 28.92
CA LEU B 15 -12.87 28.65 29.11
C LEU B 15 -12.72 30.02 29.75
N GLN B 16 -13.20 31.04 29.06
CA GLN B 16 -13.25 32.40 29.60
C GLN B 16 -14.67 32.90 29.49
N GLN B 17 -15.07 33.77 30.42
CA GLN B 17 -16.41 34.36 30.40
C GLN B 17 -16.59 35.29 29.20
N ALA B 18 -17.67 35.07 28.46
CA ALA B 18 -18.01 35.87 27.29
C ALA B 18 -19.49 35.77 27.00
N ASP B 19 -20.08 36.90 26.60
CA ASP B 19 -21.47 36.94 26.18
C ASP B 19 -21.47 36.85 24.66
N ILE B 20 -22.55 36.30 24.10
CA ILE B 20 -22.66 36.12 22.65
C ILE B 20 -23.94 36.76 22.14
N LEU B 21 -23.77 37.83 21.35
CA LEU B 21 -24.89 38.53 20.77
C LEU B 21 -25.12 38.06 19.33
N ILE B 22 -26.33 37.58 19.07
CA ILE B 22 -26.71 37.02 17.78
C ILE B 22 -27.76 37.88 17.08
N ASP B 23 -27.50 38.20 15.81
CA ASP B 23 -28.41 38.94 14.97
C ASP B 23 -28.78 38.04 13.80
N GLY B 24 -30.02 37.55 13.77
CA GLY B 24 -30.45 36.64 12.72
C GLY B 24 -29.67 35.34 12.70
N LYS B 25 -28.99 35.08 11.58
CA LYS B 25 -28.23 33.83 11.40
C LYS B 25 -26.80 33.89 11.90
N VAL B 26 -26.32 35.10 12.19
CA VAL B 26 -24.90 35.29 12.49
C VAL B 26 -24.61 35.90 13.86
N ILE B 27 -23.40 35.70 14.33
CA ILE B 27 -22.93 36.28 15.58
C ILE B 27 -22.47 37.71 15.27
N LYS B 28 -23.02 38.65 16.03
CA LYS B 28 -22.72 40.07 15.88
C LYS B 28 -21.58 40.52 16.80
N GLN B 29 -21.55 39.97 18.01
CA GLN B 29 -20.56 40.38 19.00
C GLN B 29 -20.26 39.27 20.00
N ILE B 30 -18.98 39.18 20.36
CA ILE B 30 -18.52 38.27 21.41
C ILE B 30 -17.67 39.12 22.33
N ALA B 31 -18.14 39.33 23.57
CA ALA B 31 -17.44 40.18 24.54
C ALA B 31 -17.83 39.80 25.95
N PRO B 32 -16.97 40.15 26.93
CA PRO B 32 -17.20 39.84 28.34
C PRO B 32 -18.58 40.27 28.88
N ALA B 33 -18.98 41.52 28.66
CA ALA B 33 -20.21 42.01 29.27
C ALA B 33 -21.06 42.84 28.32
N ILE B 34 -21.82 42.16 27.47
CA ILE B 34 -22.68 42.81 26.50
C ILE B 34 -23.98 43.29 27.14
N GLU B 35 -24.22 44.59 27.03
CA GLU B 35 -25.44 45.18 27.53
C GLU B 35 -26.61 44.82 26.60
N PRO B 36 -27.68 44.25 27.19
CA PRO B 36 -28.82 43.82 26.39
C PRO B 36 -29.65 45.01 25.93
N SER B 37 -29.92 45.08 24.64
CA SER B 37 -30.73 46.17 24.07
C SER B 37 -32.20 45.74 23.85
N ASN B 38 -32.99 46.62 23.25
CA ASN B 38 -34.41 46.36 23.02
C ASN B 38 -34.72 45.10 22.22
N GLY B 39 -35.71 44.34 22.69
CA GLY B 39 -36.20 43.15 21.99
C GLY B 39 -35.33 41.91 22.09
N VAL B 40 -34.10 42.07 22.57
CA VAL B 40 -33.16 40.96 22.68
C VAL B 40 -33.74 39.84 23.55
N ASP B 41 -33.65 38.62 23.03
CA ASP B 41 -34.11 37.43 23.70
C ASP B 41 -32.93 36.88 24.52
N ILE B 42 -33.02 36.93 25.84
CA ILE B 42 -31.91 36.50 26.69
C ILE B 42 -31.91 35.01 27.03
N ILE B 43 -30.74 34.38 26.85
CA ILE B 43 -30.50 32.98 27.19
C ILE B 43 -29.38 32.93 28.23
N ASP B 44 -29.73 32.57 29.48
CA ASP B 44 -28.72 32.47 30.54
C ASP B 44 -28.01 31.12 30.47
N ALA B 45 -26.77 31.13 29.99
CA ALA B 45 -25.95 29.93 29.89
C ALA B 45 -25.65 29.33 31.27
N LYS B 46 -25.93 30.10 32.33
CA LYS B 46 -25.78 29.65 33.71
C LYS B 46 -24.36 29.17 34.07
N GLY B 47 -23.36 29.74 33.39
CA GLY B 47 -21.96 29.38 33.63
C GLY B 47 -21.48 28.19 32.82
N HIS B 48 -22.37 27.60 32.01
CA HIS B 48 -22.03 26.45 31.19
C HIS B 48 -21.13 26.82 30.03
N PHE B 49 -20.62 25.78 29.39
CA PHE B 49 -19.73 25.89 28.26
C PHE B 49 -20.53 26.12 26.97
N VAL B 50 -20.19 27.21 26.28
CA VAL B 50 -20.81 27.57 25.00
C VAL B 50 -19.80 27.25 23.91
N SER B 51 -20.07 26.19 23.15
CA SER B 51 -19.14 25.68 22.16
C SER B 51 -19.58 25.92 20.73
N PRO B 52 -18.61 26.05 19.80
CA PRO B 52 -19.04 26.02 18.41
C PRO B 52 -19.77 24.69 18.17
N GLY B 53 -20.76 24.69 17.30
CA GLY B 53 -21.45 23.45 16.98
C GLY B 53 -20.47 22.43 16.42
N PHE B 54 -20.68 21.17 16.77
CA PHE B 54 -19.83 20.10 16.28
C PHE B 54 -20.20 19.79 14.84
N VAL B 55 -19.23 19.28 14.10
CA VAL B 55 -19.37 18.98 12.69
C VAL B 55 -19.03 17.49 12.52
N ASP B 56 -20.00 16.72 12.05
CA ASP B 56 -19.85 15.27 11.89
C ASP B 56 -19.75 14.92 10.40
N VAL B 57 -18.58 14.48 9.96
CA VAL B 57 -18.41 14.20 8.55
C VAL B 57 -18.81 12.79 8.09
N HIS B 58 -19.48 12.01 8.96
CA HIS B 58 -19.85 10.63 8.62
C HIS B 58 -21.09 10.19 9.43
N VAL B 59 -22.28 10.39 8.90
CA VAL B 59 -23.51 9.87 9.52
C VAL B 59 -24.33 9.16 8.47
N HIS B 60 -25.28 8.34 8.91
CA HIS B 60 -26.17 7.61 8.03
C HIS B 60 -27.57 8.06 8.43
N LEU B 61 -28.24 8.83 7.57
CA LEU B 61 -29.59 9.33 7.91
C LEU B 61 -30.67 8.40 7.36
N ARG B 62 -30.26 7.36 6.64
CA ARG B 62 -31.14 6.27 6.12
C ARG B 62 -32.19 6.66 5.07
N GLU B 63 -32.72 7.87 5.20
CA GLU B 63 -33.73 8.35 4.26
C GLU B 63 -33.00 8.95 3.05
N PRO B 64 -33.45 8.63 1.81
CA PRO B 64 -34.56 7.76 1.41
C PRO B 64 -34.19 6.29 1.33
N GLY B 65 -35.19 5.42 1.46
CA GLY B 65 -34.97 3.98 1.38
C GLY B 65 -35.16 3.22 2.68
N GLY B 66 -34.45 3.63 3.73
CA GLY B 66 -34.53 2.97 5.04
C GLY B 66 -35.19 3.83 6.10
N GLU B 67 -36.35 4.39 5.78
CA GLU B 67 -37.09 5.25 6.70
C GLU B 67 -37.40 4.59 8.06
N TYR B 68 -37.68 3.30 8.05
CA TYR B 68 -38.02 2.56 9.28
C TYR B 68 -36.88 2.58 10.30
N LYS B 69 -35.64 2.70 9.80
CA LYS B 69 -34.46 2.78 10.64
C LYS B 69 -34.28 4.18 11.24
N GLU B 70 -34.46 5.20 10.40
CA GLU B 70 -34.19 6.60 10.72
C GLU B 70 -34.69 7.43 9.53
N THR B 71 -35.05 8.68 9.78
CA THR B 71 -35.40 9.62 8.70
C THR B 71 -34.45 10.81 8.85
N ILE B 72 -34.45 11.73 7.88
CA ILE B 72 -33.60 12.93 7.98
C ILE B 72 -34.02 13.75 9.20
N GLU B 73 -35.33 13.81 9.46
CA GLU B 73 -35.83 14.54 10.63
C GLU B 73 -35.35 13.99 11.98
N THR B 74 -35.54 12.69 12.22
CA THR B 74 -35.09 12.07 13.48
C THR B 74 -33.54 12.00 13.60
N GLY B 75 -32.85 11.78 12.48
CA GLY B 75 -31.39 11.73 12.48
C GLY B 75 -30.75 13.06 12.82
N THR B 76 -31.31 14.14 12.28
CA THR B 76 -30.81 15.48 12.53
C THR B 76 -31.22 16.00 13.92
N LYS B 77 -32.41 15.63 14.39
CA LYS B 77 -32.81 15.91 15.76
C LYS B 77 -31.84 15.25 16.74
N ALA B 78 -31.47 14.01 16.43
CA ALA B 78 -30.45 13.25 17.16
C ALA B 78 -29.10 13.95 17.15
N ALA B 79 -28.66 14.41 15.97
CA ALA B 79 -27.42 15.19 15.84
C ALA B 79 -27.41 16.45 16.71
N ALA B 80 -28.50 17.22 16.66
CA ALA B 80 -28.61 18.46 17.44
C ALA B 80 -28.55 18.19 18.96
N ARG B 81 -29.21 17.12 19.40
CA ARG B 81 -29.11 16.73 20.80
C ARG B 81 -27.67 16.35 21.19
N GLY B 82 -26.90 15.90 20.22
CA GLY B 82 -25.49 15.56 20.45
C GLY B 82 -24.57 16.76 20.35
N GLY B 83 -25.13 17.92 20.02
CA GLY B 83 -24.37 19.15 19.90
C GLY B 83 -23.91 19.42 18.47
N PHE B 84 -24.32 18.57 17.54
CA PHE B 84 -23.89 18.71 16.13
C PHE B 84 -24.79 19.70 15.44
N THR B 85 -24.19 20.63 14.69
CA THR B 85 -24.96 21.62 13.94
C THR B 85 -24.80 21.43 12.42
N THR B 86 -23.77 20.64 12.05
CA THR B 86 -23.52 20.24 10.65
C THR B 86 -23.22 18.74 10.57
N VAL B 87 -23.90 18.02 9.69
CA VAL B 87 -23.60 16.59 9.49
C VAL B 87 -23.53 16.29 8.01
N CYS B 88 -22.70 15.31 7.63
CA CYS B 88 -22.54 14.93 6.23
C CYS B 88 -23.00 13.48 6.02
N PRO B 89 -24.24 13.27 5.53
CA PRO B 89 -24.76 11.92 5.37
C PRO B 89 -24.15 11.12 4.21
N MSE B 90 -23.99 9.82 4.43
CA MSE B 90 -23.35 8.92 3.50
C MSE B 90 -24.30 8.54 2.36
O MSE B 90 -25.53 8.61 2.55
CB MSE B 90 -22.83 7.70 4.27
CG MSE B 90 -21.72 8.05 5.26
SE MSE B 90 -20.06 8.56 4.38
CE MSE B 90 -19.37 6.77 3.98
N PRO B 91 -23.76 8.13 1.18
CA PRO B 91 -24.58 7.86 0.00
C PRO B 91 -25.21 6.46 -0.12
N ASN B 92 -25.18 5.67 0.95
CA ASN B 92 -25.68 4.31 0.85
C ASN B 92 -27.21 4.20 1.00
N THR B 93 -27.91 5.08 0.30
CA THR B 93 -29.37 5.09 0.33
C THR B 93 -30.00 4.54 -0.94
N ARG B 94 -31.33 4.58 -1.01
CA ARG B 94 -32.09 4.18 -2.20
C ARG B 94 -33.20 5.19 -2.42
N PRO B 95 -33.09 5.99 -3.50
CA PRO B 95 -32.00 5.99 -4.47
C PRO B 95 -30.65 6.53 -3.97
N VAL B 96 -29.57 6.11 -4.63
CA VAL B 96 -28.23 6.62 -4.27
C VAL B 96 -28.10 8.05 -4.82
N PRO B 97 -27.46 8.98 -4.08
CA PRO B 97 -27.21 10.31 -4.65
C PRO B 97 -26.11 10.29 -5.72
N ASP B 98 -26.45 9.84 -6.93
CA ASP B 98 -25.45 9.59 -7.99
C ASP B 98 -25.82 10.31 -9.31
N SER B 99 -26.82 11.20 -9.24
CA SER B 99 -27.25 11.96 -10.37
C SER B 99 -27.89 13.25 -9.90
N VAL B 100 -27.99 14.21 -10.82
CA VAL B 100 -28.63 15.49 -10.57
C VAL B 100 -30.06 15.28 -10.05
N GLU B 101 -30.80 14.42 -10.72
CA GLU B 101 -32.15 14.09 -10.30
C GLU B 101 -32.21 13.66 -8.82
N HIS B 102 -31.44 12.62 -8.45
CA HIS B 102 -31.47 12.14 -7.07
C HIS B 102 -30.98 13.16 -6.05
N PHE B 103 -29.99 13.96 -6.43
CA PHE B 103 -29.53 15.05 -5.58
C PHE B 103 -30.59 16.12 -5.36
N GLU B 104 -31.33 16.45 -6.41
CA GLU B 104 -32.39 17.43 -6.27
C GLU B 104 -33.51 16.92 -5.36
N ALA B 105 -33.93 15.66 -5.52
CA ALA B 105 -34.92 15.05 -4.62
C ALA B 105 -34.41 15.02 -3.15
N LEU B 106 -33.13 14.76 -2.97
CA LEU B 106 -32.55 14.73 -1.65
C LEU B 106 -32.46 16.13 -1.01
N GLN B 107 -32.12 17.13 -1.83
CA GLN B 107 -32.07 18.55 -1.40
C GLN B 107 -33.42 18.95 -0.84
N LYS B 108 -34.47 18.47 -1.49
CA LYS B 108 -35.83 18.79 -1.09
C LYS B 108 -36.22 18.10 0.23
N LEU B 109 -35.78 16.85 0.43
CA LEU B 109 -36.07 16.14 1.67
C LEU B 109 -35.36 16.83 2.83
N ILE B 110 -34.16 17.38 2.54
CA ILE B 110 -33.39 18.16 3.51
C ILE B 110 -34.05 19.49 3.84
N ASP B 111 -34.47 20.23 2.81
CA ASP B 111 -35.17 21.50 3.01
C ASP B 111 -36.39 21.32 3.92
N ASP B 112 -37.22 20.33 3.62
CA ASP B 112 -38.46 20.11 4.35
C ASP B 112 -38.31 19.49 5.75
N ASN B 113 -37.20 18.79 6.02
CA ASN B 113 -37.07 17.96 7.23
C ASN B 113 -35.87 18.18 8.15
N ALA B 114 -34.72 18.52 7.59
CA ALA B 114 -33.49 18.60 8.38
C ALA B 114 -33.57 19.66 9.47
N GLN B 115 -33.05 19.32 10.65
CA GLN B 115 -33.01 20.24 11.78
C GLN B 115 -31.62 20.83 12.00
N VAL B 116 -30.63 20.33 11.27
CA VAL B 116 -29.28 20.88 11.31
C VAL B 116 -28.84 21.04 9.87
N ARG B 117 -27.68 21.66 9.64
CA ARG B 117 -27.12 21.77 8.29
C ARG B 117 -26.73 20.39 7.77
N VAL B 118 -27.14 20.05 6.55
CA VAL B 118 -26.85 18.74 5.97
C VAL B 118 -26.05 18.88 4.65
N LEU B 119 -24.81 18.37 4.66
CA LEU B 119 -23.90 18.45 3.50
C LEU B 119 -23.76 17.04 2.90
N PRO B 120 -24.54 16.73 1.86
CA PRO B 120 -24.58 15.34 1.46
C PRO B 120 -23.40 14.89 0.61
N TYR B 121 -22.85 13.72 0.96
CA TYR B 121 -21.87 13.04 0.13
C TYR B 121 -22.58 12.52 -1.13
N ALA B 122 -21.86 12.49 -2.26
CA ALA B 122 -22.36 11.81 -3.48
C ALA B 122 -21.66 10.44 -3.59
N SER B 123 -22.21 9.52 -4.39
CA SER B 123 -21.41 8.30 -4.64
C SER B 123 -20.24 8.61 -5.62
N ILE B 124 -19.31 7.67 -5.79
CA ILE B 124 -18.25 7.86 -6.77
C ILE B 124 -18.81 7.29 -8.08
N THR B 125 -19.68 6.28 -7.97
CA THR B 125 -20.22 5.57 -9.13
C THR B 125 -21.74 5.43 -9.11
N THR B 126 -22.32 5.16 -10.28
CA THR B 126 -23.76 5.01 -10.41
C THR B 126 -24.21 3.84 -9.55
N ARG B 127 -25.25 4.06 -8.75
CA ARG B 127 -25.82 3.05 -7.82
C ARG B 127 -24.79 2.36 -6.93
N GLN B 128 -23.63 2.99 -6.76
CA GLN B 128 -22.52 2.39 -5.99
C GLN B 128 -22.12 1.01 -6.51
N LEU B 129 -22.41 0.75 -7.79
CA LEU B 129 -22.09 -0.53 -8.39
C LEU B 129 -20.63 -0.63 -8.80
N GLY B 130 -19.92 0.49 -8.80
CA GLY B 130 -18.49 0.51 -9.14
C GLY B 130 -18.18 0.33 -10.62
N LYS B 131 -19.20 0.47 -11.44
CA LYS B 131 -19.08 0.28 -12.89
C LYS B 131 -18.85 1.59 -13.61
N GLU B 132 -19.72 2.58 -13.40
CA GLU B 132 -19.53 3.88 -14.04
C GLU B 132 -19.48 5.06 -13.09
N LEU B 133 -18.53 5.92 -13.38
CA LEU B 133 -18.30 7.15 -12.63
C LEU B 133 -19.50 8.08 -12.72
N VAL B 134 -19.79 8.79 -11.65
CA VAL B 134 -20.85 9.81 -11.69
C VAL B 134 -20.29 11.06 -12.39
N ASP B 135 -21.17 12.02 -12.65
CA ASP B 135 -20.78 13.30 -13.22
C ASP B 135 -20.36 14.22 -12.08
N PHE B 136 -19.06 14.29 -11.83
CA PHE B 136 -18.51 15.09 -10.72
C PHE B 136 -18.89 16.59 -10.70
N PRO B 137 -18.67 17.34 -11.81
CA PRO B 137 -19.06 18.76 -11.75
C PRO B 137 -20.58 18.97 -11.55
N ALA B 138 -21.39 18.13 -12.21
CA ALA B 138 -22.86 18.19 -12.09
C ALA B 138 -23.34 18.01 -10.65
N LEU B 139 -22.64 17.15 -9.90
CA LEU B 139 -23.00 16.90 -8.50
C LEU B 139 -22.42 17.95 -7.58
N VAL B 140 -21.25 18.46 -7.90
CA VAL B 140 -20.71 19.54 -7.10
C VAL B 140 -21.70 20.74 -7.16
N LYS B 141 -22.23 21.01 -8.35
CA LYS B 141 -23.17 22.11 -8.54
C LYS B 141 -24.51 21.87 -7.84
N GLU B 142 -24.77 20.63 -7.39
CA GLU B 142 -26.01 20.32 -6.68
C GLU B 142 -25.77 20.24 -5.18
N GLY B 143 -24.58 20.64 -4.75
CA GLY B 143 -24.19 20.65 -3.35
C GLY B 143 -23.37 19.48 -2.79
N ALA B 144 -22.72 18.69 -3.65
CA ALA B 144 -22.06 17.49 -3.12
C ALA B 144 -20.94 17.91 -2.19
N PHE B 145 -20.88 17.24 -1.04
CA PHE B 145 -19.86 17.53 -0.05
C PHE B 145 -18.54 16.85 -0.44
N ALA B 146 -18.66 15.61 -0.90
CA ALA B 146 -17.52 14.78 -1.28
C ALA B 146 -18.01 13.62 -2.09
N PHE B 147 -17.07 12.82 -2.58
CA PHE B 147 -17.41 11.65 -3.39
C PHE B 147 -16.93 10.42 -2.69
N THR B 148 -17.88 9.56 -2.35
CA THR B 148 -17.62 8.55 -1.35
C THR B 148 -17.86 7.10 -1.76
N ASP B 149 -16.86 6.28 -1.42
CA ASP B 149 -16.89 4.82 -1.61
C ASP B 149 -17.49 4.19 -0.36
N ASP B 150 -18.78 3.83 -0.40
CA ASP B 150 -19.44 3.23 0.76
C ASP B 150 -20.38 2.05 0.44
N GLY B 151 -20.02 1.25 -0.56
CA GLY B 151 -20.77 0.02 -0.86
C GLY B 151 -19.75 -0.98 -1.34
N VAL B 152 -20.13 -1.80 -2.32
CA VAL B 152 -19.15 -2.61 -3.02
C VAL B 152 -18.27 -1.59 -3.73
N GLY B 153 -18.93 -0.65 -4.41
CA GLY B 153 -18.28 0.45 -5.11
C GLY B 153 -17.20 -0.01 -6.08
N VAL B 154 -16.23 0.88 -6.29
CA VAL B 154 -15.13 0.61 -7.20
C VAL B 154 -14.37 -0.64 -6.74
N GLN B 155 -14.04 -1.48 -7.70
CA GLN B 155 -13.31 -2.69 -7.46
C GLN B 155 -11.86 -2.35 -7.79
N THR B 156 -11.59 -2.23 -9.09
CA THR B 156 -10.26 -2.00 -9.66
C THR B 156 -9.52 -0.73 -9.21
N ALA B 157 -8.19 -0.77 -9.24
CA ALA B 157 -7.39 0.42 -8.99
C ALA B 157 -7.69 1.45 -10.09
N SER B 158 -7.88 1.02 -11.33
CA SER B 158 -8.09 1.99 -12.42
C SER B 158 -9.34 2.88 -12.17
N MSE B 159 -10.48 2.27 -11.88
CA MSE B 159 -11.68 3.02 -11.48
C MSE B 159 -11.47 3.97 -10.29
O MSE B 159 -11.93 5.12 -10.30
CB MSE B 159 -12.82 2.07 -11.15
CG MSE B 159 -13.59 1.62 -12.37
SE MSE B 159 -14.74 3.11 -13.04
CE MSE B 159 -15.68 3.46 -11.37
N MSE B 160 -10.80 3.51 -9.25
CA MSE B 160 -10.56 4.40 -8.11
C MSE B 160 -9.73 5.59 -8.61
O MSE B 160 -10.08 6.74 -8.39
CB MSE B 160 -9.88 3.68 -6.94
CG MSE B 160 -9.63 4.58 -5.74
SE MSE B 160 -11.31 5.43 -5.14
CE MSE B 160 -11.87 4.24 -3.68
N TYR B 161 -8.63 5.30 -9.31
CA TYR B 161 -7.72 6.33 -9.86
C TYR B 161 -8.47 7.32 -10.75
N GLU B 162 -9.29 6.80 -11.65
CA GLU B 162 -10.11 7.64 -12.50
C GLU B 162 -11.09 8.51 -11.71
N GLY B 163 -11.63 8.00 -10.62
CA GLY B 163 -12.55 8.78 -9.79
C GLY B 163 -11.78 9.90 -9.10
N MSE B 164 -10.54 9.63 -8.75
CA MSE B 164 -9.70 10.62 -8.05
C MSE B 164 -9.22 11.74 -8.97
O MSE B 164 -8.97 12.87 -8.55
CB MSE B 164 -8.53 9.92 -7.41
CG MSE B 164 -9.02 8.98 -6.36
SE MSE B 164 -7.48 8.07 -5.67
CE MSE B 164 -8.25 7.47 -3.95
N ILE B 165 -9.03 11.39 -10.24
CA ILE B 165 -8.73 12.38 -11.25
C ILE B 165 -9.97 13.29 -11.40
N GLU B 166 -11.19 12.71 -11.43
CA GLU B 166 -12.39 13.54 -11.50
C GLU B 166 -12.58 14.46 -10.31
N ALA B 167 -12.25 13.93 -9.12
CA ALA B 167 -12.36 14.69 -7.87
C ALA B 167 -11.36 15.80 -7.80
N ALA B 168 -10.12 15.53 -8.23
CA ALA B 168 -9.13 16.61 -8.23
C ALA B 168 -9.56 17.77 -9.15
N LYS B 169 -10.19 17.47 -10.29
CA LYS B 169 -10.73 18.49 -11.20
C LYS B 169 -11.76 19.43 -10.54
N VAL B 170 -12.52 18.91 -9.57
CA VAL B 170 -13.58 19.70 -8.93
C VAL B 170 -13.17 20.14 -7.55
N ASN B 171 -11.90 19.87 -7.23
CA ASN B 171 -11.35 20.17 -5.93
C ASN B 171 -12.18 19.66 -4.73
N LYS B 172 -12.63 18.41 -4.84
CA LYS B 172 -13.36 17.72 -3.78
C LYS B 172 -12.62 16.45 -3.34
N ALA B 173 -12.91 15.97 -2.14
CA ALA B 173 -12.27 14.77 -1.64
C ALA B 173 -12.92 13.50 -2.16
N ILE B 174 -12.08 12.49 -2.31
CA ILE B 174 -12.50 11.11 -2.37
C ILE B 174 -12.43 10.60 -0.94
N VAL B 175 -13.57 10.16 -0.44
CA VAL B 175 -13.70 9.64 0.92
C VAL B 175 -13.92 8.15 0.74
N ALA B 176 -13.16 7.31 1.43
CA ALA B 176 -13.42 5.86 1.24
C ALA B 176 -13.49 5.08 2.52
N HIS B 177 -14.49 4.21 2.55
CA HIS B 177 -14.62 3.15 3.52
C HIS B 177 -13.75 2.07 2.92
N CYS B 178 -12.59 1.87 3.54
CA CYS B 178 -11.60 0.95 3.04
C CYS B 178 -11.89 -0.49 3.44
N GLU B 179 -12.09 -1.32 2.43
CA GLU B 179 -12.50 -2.69 2.66
C GLU B 179 -12.25 -3.50 1.41
N ASP B 180 -11.18 -4.32 1.41
CA ASP B 180 -10.97 -5.26 0.30
C ASP B 180 -12.03 -6.38 0.35
N ASN B 181 -12.85 -6.44 -0.70
CA ASN B 181 -13.92 -7.44 -0.79
C ASN B 181 -13.49 -8.89 -0.56
N SER B 182 -12.32 -9.27 -1.08
CA SER B 182 -11.84 -10.65 -0.97
C SER B 182 -11.32 -11.01 0.40
N LEU B 183 -10.99 -9.99 1.20
CA LEU B 183 -10.42 -10.19 2.53
C LEU B 183 -11.44 -10.10 3.66
N ILE B 184 -12.70 -9.94 3.32
CA ILE B 184 -13.78 -9.89 4.32
C ILE B 184 -14.00 -11.29 4.94
N TYR B 185 -13.88 -12.32 4.08
CA TYR B 185 -14.02 -13.72 4.51
C TYR B 185 -15.29 -14.00 5.32
N GLY B 186 -16.40 -13.33 4.95
CA GLY B 186 -17.68 -13.49 5.65
C GLY B 186 -17.59 -13.14 7.12
N GLY B 187 -16.63 -12.29 7.51
CA GLY B 187 -16.45 -11.93 8.91
C GLY B 187 -17.54 -11.04 9.49
N ALA B 188 -17.73 -11.10 10.82
CA ALA B 188 -18.76 -10.30 11.47
C ALA B 188 -18.16 -9.44 12.57
N MSE B 189 -16.86 -9.62 12.83
CA MSE B 189 -16.16 -8.92 13.90
C MSE B 189 -14.63 -9.03 13.70
O MSE B 189 -14.18 -9.62 12.74
CB MSE B 189 -16.57 -9.46 15.28
CG MSE B 189 -16.12 -10.88 15.57
SE MSE B 189 -16.48 -11.44 17.45
CE MSE B 189 -15.11 -10.39 18.39
N HIS B 190 -13.85 -8.47 14.61
CA HIS B 190 -12.39 -8.50 14.48
C HIS B 190 -11.90 -9.94 14.45
N GLU B 191 -11.02 -10.30 13.52
CA GLU B 191 -10.41 -11.63 13.54
C GLU B 191 -9.28 -11.61 14.56
N GLY B 192 -9.45 -12.27 15.69
CA GLY B 192 -8.46 -12.26 16.79
C GLY B 192 -8.84 -13.25 17.87
N LYS B 193 -8.40 -12.99 19.10
CA LYS B 193 -8.67 -13.92 20.20
C LYS B 193 -10.16 -14.09 20.50
N ARG B 194 -10.90 -12.98 20.49
CA ARG B 194 -12.30 -12.99 20.87
C ARG B 194 -13.19 -13.72 19.86
N SER B 195 -12.97 -13.52 18.55
CA SER B 195 -13.80 -14.25 17.56
C SER B 195 -13.62 -15.76 17.71
N LYS B 196 -12.37 -16.19 17.97
CA LYS B 196 -12.05 -17.61 18.27
C LYS B 196 -12.86 -18.07 19.47
N GLU B 197 -12.77 -17.33 20.58
CA GLU B 197 -13.53 -17.65 21.79
C GLU B 197 -15.03 -17.79 21.55
N LEU B 198 -15.60 -16.93 20.71
CA LEU B 198 -17.05 -16.92 20.48
C LEU B 198 -17.50 -17.78 19.31
N GLY B 199 -16.54 -18.27 18.54
CA GLY B 199 -16.87 -19.09 17.36
C GLY B 199 -17.49 -18.29 16.21
N ILE B 200 -17.23 -16.98 16.20
CA ILE B 200 -17.79 -16.08 15.19
C ILE B 200 -16.70 -15.74 14.16
N PRO B 201 -17.05 -15.81 12.85
CA PRO B 201 -16.04 -15.49 11.83
C PRO B 201 -15.59 -14.05 11.90
N GLY B 202 -14.33 -13.83 11.61
CA GLY B 202 -13.69 -12.54 11.79
C GLY B 202 -13.14 -11.97 10.50
N ILE B 203 -12.88 -10.66 10.55
CA ILE B 203 -12.32 -9.89 9.45
C ILE B 203 -10.89 -9.53 9.85
N PRO B 204 -9.89 -9.92 9.03
CA PRO B 204 -8.53 -9.55 9.36
C PRO B 204 -8.22 -8.07 9.17
N ASN B 205 -7.26 -7.53 9.91
CA ASN B 205 -6.84 -6.15 9.73
C ASN B 205 -6.60 -5.79 8.27
N ILE B 206 -5.96 -6.71 7.54
CA ILE B 206 -5.56 -6.46 6.15
C ILE B 206 -6.69 -6.07 5.21
N CYS B 207 -7.92 -6.42 5.57
CA CYS B 207 -9.10 -6.09 4.78
C CYS B 207 -9.13 -4.57 4.60
N GLU B 208 -8.76 -3.84 5.66
CA GLU B 208 -8.83 -2.39 5.67
C GLU B 208 -7.56 -1.79 5.12
N SER B 209 -6.44 -2.15 5.73
CA SER B 209 -5.16 -1.56 5.41
C SER B 209 -4.72 -1.70 3.95
N VAL B 210 -4.98 -2.83 3.30
CA VAL B 210 -4.53 -2.96 1.90
C VAL B 210 -5.18 -1.91 0.99
N GLN B 211 -6.46 -1.58 1.21
CA GLN B 211 -7.10 -0.54 0.38
C GLN B 211 -6.50 0.85 0.61
N ILE B 212 -6.21 1.19 1.89
CA ILE B 212 -5.59 2.47 2.21
C ILE B 212 -4.26 2.53 1.48
N ALA B 213 -3.45 1.48 1.63
CA ALA B 213 -2.13 1.36 0.99
C ALA B 213 -2.23 1.58 -0.52
N ARG B 214 -3.19 0.94 -1.16
CA ARG B 214 -3.42 1.18 -2.59
C ARG B 214 -3.81 2.65 -2.84
N ASP B 215 -4.86 3.10 -2.15
CA ASP B 215 -5.47 4.42 -2.40
C ASP B 215 -4.56 5.63 -2.19
N VAL B 216 -3.70 5.65 -1.18
CA VAL B 216 -2.85 6.82 -1.03
C VAL B 216 -1.91 7.00 -2.23
N LEU B 217 -1.57 5.90 -2.89
CA LEU B 217 -0.69 5.96 -4.05
C LEU B 217 -1.47 6.44 -5.25
N LEU B 218 -2.74 6.04 -5.33
CA LEU B 218 -3.60 6.51 -6.40
C LEU B 218 -3.89 7.98 -6.20
N ALA B 219 -3.97 8.44 -4.93
CA ALA B 219 -4.27 9.83 -4.61
C ALA B 219 -3.09 10.69 -4.98
N GLU B 220 -1.89 10.23 -4.59
CA GLU B 220 -0.67 10.88 -5.00
C GLU B 220 -0.56 11.09 -6.52
N ALA B 221 -0.79 10.04 -7.30
CA ALA B 221 -0.72 10.14 -8.76
C ALA B 221 -1.81 11.05 -9.38
N ALA B 222 -2.96 11.10 -8.74
CA ALA B 222 -4.09 11.89 -9.23
C ALA B 222 -4.01 13.35 -8.75
N GLY B 223 -3.26 13.61 -7.67
CA GLY B 223 -3.17 14.97 -7.12
C GLY B 223 -4.49 15.30 -6.43
N CYS B 224 -5.01 14.31 -5.71
CA CYS B 224 -6.34 14.36 -5.16
C CYS B 224 -6.28 14.38 -3.63
N HIS B 225 -7.32 14.95 -3.00
CA HIS B 225 -7.49 14.83 -1.56
C HIS B 225 -8.20 13.52 -1.31
N TYR B 226 -7.56 12.70 -0.50
CA TYR B 226 -8.09 11.39 -0.10
C TYR B 226 -8.33 11.34 1.40
N HIS B 227 -9.55 10.93 1.77
CA HIS B 227 -9.95 10.83 3.18
C HIS B 227 -10.31 9.41 3.52
N VAL B 228 -9.66 8.88 4.55
CA VAL B 228 -9.92 7.53 5.01
C VAL B 228 -11.01 7.56 6.11
N CYS B 229 -12.13 6.89 5.88
CA CYS B 229 -13.17 6.82 6.92
C CYS B 229 -12.74 5.94 8.09
N HIS B 230 -13.36 6.18 9.26
CA HIS B 230 -13.24 5.33 10.45
C HIS B 230 -12.12 4.28 10.39
N VAL B 231 -10.89 4.73 10.66
CA VAL B 231 -9.69 3.88 10.76
C VAL B 231 -9.84 2.97 12.00
N SER B 232 -9.43 1.72 11.89
CA SER B 232 -9.60 0.76 13.00
C SER B 232 -8.39 -0.08 13.33
N THR B 233 -7.36 -0.07 12.46
CA THR B 233 -6.21 -0.97 12.65
C THR B 233 -4.89 -0.26 12.83
N LYS B 234 -3.97 -0.92 13.53
CA LYS B 234 -2.64 -0.34 13.75
C LYS B 234 -1.82 -0.15 12.45
N GLU B 235 -1.96 -1.07 11.50
CA GLU B 235 -1.25 -0.95 10.22
C GLU B 235 -1.81 0.24 9.41
N SER B 236 -3.14 0.39 9.40
CA SER B 236 -3.78 1.54 8.74
C SER B 236 -3.19 2.87 9.17
N VAL B 237 -2.97 3.04 10.47
CA VAL B 237 -2.41 4.27 11.01
C VAL B 237 -1.00 4.45 10.48
N ARG B 238 -0.25 3.33 10.44
CA ARG B 238 1.11 3.35 9.89
C ARG B 238 1.16 3.82 8.45
N VAL B 239 0.28 3.25 7.63
CA VAL B 239 0.21 3.60 6.21
C VAL B 239 -0.14 5.08 5.99
N ILE B 240 -1.04 5.62 6.81
CA ILE B 240 -1.43 7.00 6.66
C ILE B 240 -0.27 7.91 7.14
N ARG B 241 0.42 7.52 8.21
CA ARG B 241 1.55 8.33 8.71
C ARG B 241 2.64 8.43 7.64
N ASP B 242 3.01 7.30 7.05
CA ASP B 242 4.01 7.24 5.98
C ASP B 242 3.58 8.05 4.75
N ALA B 243 2.29 7.99 4.42
CA ALA B 243 1.73 8.74 3.29
C ALA B 243 1.79 10.26 3.51
N LYS B 244 1.45 10.74 4.72
CA LYS B 244 1.56 12.16 5.05
C LYS B 244 3.01 12.63 5.02
N ARG B 245 3.93 11.80 5.53
CA ARG B 245 5.37 12.12 5.47
C ARG B 245 5.82 12.24 4.01
N ALA B 246 5.20 11.48 3.10
CA ALA B 246 5.54 11.54 1.66
C ALA B 246 4.91 12.73 0.92
N GLY B 247 4.14 13.54 1.63
CA GLY B 247 3.55 14.75 1.05
C GLY B 247 2.29 14.48 0.26
N ILE B 248 1.61 13.37 0.56
CA ILE B 248 0.36 13.00 -0.13
C ILE B 248 -0.80 13.64 0.62
N HIS B 249 -1.78 14.18 -0.10
CA HIS B 249 -2.90 14.82 0.59
C HIS B 249 -3.92 13.78 1.05
N VAL B 250 -3.60 13.07 2.13
CA VAL B 250 -4.48 12.05 2.73
C VAL B 250 -4.89 12.54 4.09
N THR B 251 -6.18 12.39 4.40
CA THR B 251 -6.66 12.71 5.74
C THR B 251 -7.44 11.54 6.28
N ALA B 252 -7.76 11.55 7.56
CA ALA B 252 -8.40 10.40 8.17
C ALA B 252 -9.21 10.77 9.40
N GLU B 253 -10.24 9.97 9.69
CA GLU B 253 -11.07 10.19 10.88
C GLU B 253 -11.06 8.89 11.73
N VAL B 254 -11.52 8.99 12.98
CA VAL B 254 -11.68 7.84 13.84
C VAL B 254 -13.00 8.06 14.61
N THR B 255 -13.67 6.98 15.01
CA THR B 255 -14.95 7.09 15.71
C THR B 255 -14.80 7.07 17.24
N PRO B 256 -15.87 7.47 17.97
CA PRO B 256 -15.79 7.38 19.43
C PRO B 256 -15.72 5.92 19.94
N HIS B 257 -16.42 4.99 19.28
CA HIS B 257 -16.39 3.59 19.72
C HIS B 257 -15.01 2.93 19.50
N HIS B 258 -14.27 3.34 18.46
CA HIS B 258 -12.94 2.75 18.22
C HIS B 258 -11.87 3.35 19.15
N LEU B 259 -12.10 4.56 19.66
CA LEU B 259 -11.21 5.15 20.66
C LEU B 259 -11.49 4.60 22.04
N LEU B 260 -12.72 4.12 22.24
CA LEU B 260 -13.12 3.70 23.58
C LEU B 260 -13.13 2.19 23.79
N LEU B 261 -13.55 1.43 22.77
CA LEU B 261 -13.70 -0.01 22.97
C LEU B 261 -12.78 -0.88 22.13
N THR B 262 -12.63 -2.15 22.55
CA THR B 262 -11.89 -3.17 21.81
C THR B 262 -12.74 -4.45 21.75
N GLU B 263 -12.18 -5.48 21.14
CA GLU B 263 -12.81 -6.80 21.07
C GLU B 263 -13.10 -7.36 22.48
N ASP B 264 -12.29 -6.97 23.46
CA ASP B 264 -12.40 -7.47 24.84
C ASP B 264 -13.67 -6.99 25.53
N ASP B 265 -14.30 -5.97 24.98
CA ASP B 265 -15.54 -5.41 25.53
C ASP B 265 -16.79 -6.13 25.01
N ILE B 266 -16.63 -6.97 24.01
CA ILE B 266 -17.76 -7.69 23.47
C ILE B 266 -18.11 -8.82 24.45
N PRO B 267 -19.32 -8.77 25.06
CA PRO B 267 -19.66 -9.73 26.10
C PRO B 267 -20.05 -11.12 25.58
N GLY B 268 -20.32 -11.23 24.30
CA GLY B 268 -20.78 -12.50 23.74
C GLY B 268 -21.32 -12.28 22.35
N ASN B 269 -22.07 -13.26 21.85
CA ASN B 269 -22.64 -13.11 20.51
C ASN B 269 -23.77 -12.10 20.60
N ASN B 270 -23.44 -10.84 20.30
CA ASN B 270 -24.36 -9.72 20.51
C ASN B 270 -24.18 -8.64 19.44
N ALA B 271 -25.17 -8.54 18.54
CA ALA B 271 -25.12 -7.62 17.39
C ALA B 271 -25.05 -6.14 17.75
N ILE B 272 -25.32 -5.80 19.01
CA ILE B 272 -25.20 -4.42 19.46
C ILE B 272 -23.74 -3.96 19.41
N TYR B 273 -22.83 -4.94 19.36
CA TYR B 273 -21.40 -4.70 19.28
C TYR B 273 -20.89 -4.94 17.87
N LYS B 274 -21.80 -5.18 16.94
CA LYS B 274 -21.43 -5.42 15.57
C LYS B 274 -21.47 -4.16 14.72
N MSE B 275 -20.29 -3.66 14.33
CA MSE B 275 -20.23 -2.57 13.38
C MSE B 275 -19.01 -2.72 12.46
O MSE B 275 -18.13 -3.55 12.71
CB MSE B 275 -20.25 -1.20 14.05
CG MSE B 275 -18.91 -0.65 14.47
SE MSE B 275 -18.00 -1.69 15.87
CE MSE B 275 -19.29 -1.42 17.33
N ASN B 276 -18.97 -1.90 11.43
CA ASN B 276 -17.94 -2.00 10.41
C ASN B 276 -17.24 -0.63 10.30
N PRO B 277 -15.90 -0.58 10.50
CA PRO B 277 -14.99 -1.67 10.82
C PRO B 277 -15.26 -2.15 12.24
N PRO B 278 -14.85 -3.37 12.57
CA PRO B 278 -15.11 -3.88 13.90
C PRO B 278 -14.26 -3.27 14.99
N LEU B 279 -14.59 -3.60 16.25
CA LEU B 279 -13.76 -3.19 17.39
C LEU B 279 -12.58 -4.17 17.41
N ARG B 280 -11.37 -3.63 17.25
CA ARG B 280 -10.25 -4.52 17.07
C ARG B 280 -9.47 -4.76 18.36
N SER B 281 -8.16 -5.01 18.29
CA SER B 281 -7.45 -5.41 19.49
C SER B 281 -7.02 -4.20 20.30
N THR B 282 -6.49 -4.43 21.49
CA THR B 282 -5.93 -3.37 22.34
C THR B 282 -4.81 -2.65 21.59
N GLU B 283 -4.05 -3.43 20.83
CA GLU B 283 -2.93 -2.89 20.05
C GLU B 283 -3.46 -1.93 18.98
N ASP B 284 -4.58 -2.29 18.38
CA ASP B 284 -5.20 -1.44 17.37
C ASP B 284 -5.67 -0.12 18.01
N ARG B 285 -6.49 -0.21 19.05
CA ARG B 285 -6.97 0.96 19.78
C ARG B 285 -5.83 1.87 20.25
N GLU B 286 -4.76 1.32 20.78
CA GLU B 286 -3.59 2.11 21.20
C GLU B 286 -2.97 2.85 20.02
N ALA B 287 -2.95 2.22 18.84
CA ALA B 287 -2.41 2.89 17.64
C ALA B 287 -3.29 4.04 17.17
N LEU B 288 -4.61 3.84 17.25
CA LEU B 288 -5.57 4.86 16.85
C LEU B 288 -5.41 6.08 17.73
N LEU B 289 -5.24 5.83 19.04
CA LEU B 289 -5.14 6.89 20.00
C LEU B 289 -3.88 7.71 19.74
N GLU B 290 -2.76 7.01 19.57
CA GLU B 290 -1.48 7.63 19.28
C GLU B 290 -1.53 8.48 17.99
N GLY B 291 -2.27 7.99 16.99
CA GLY B 291 -2.38 8.69 15.71
C GLY B 291 -3.24 9.95 15.74
N LEU B 292 -4.31 9.94 16.54
CA LEU B 292 -5.17 11.11 16.70
C LEU B 292 -4.32 12.16 17.42
N LEU B 293 -3.59 11.73 18.43
CA LEU B 293 -2.71 12.62 19.19
C LEU B 293 -1.54 13.23 18.37
N ASP B 294 -0.94 12.47 17.46
CA ASP B 294 0.18 13.01 16.67
C ASP B 294 -0.25 13.70 15.36
N GLY B 295 -1.56 13.70 15.09
CA GLY B 295 -2.09 14.35 13.88
C GLY B 295 -2.24 13.46 12.65
N THR B 296 -1.84 12.18 12.76
CA THR B 296 -1.98 11.24 11.64
C THR B 296 -3.46 11.07 11.30
N ILE B 297 -4.27 10.91 12.34
CA ILE B 297 -5.73 10.90 12.18
C ILE B 297 -6.16 12.36 12.46
N ASP B 298 -6.95 12.91 11.54
CA ASP B 298 -7.27 14.35 11.61
C ASP B 298 -8.38 14.71 12.57
N CYS B 299 -9.44 13.90 12.62
CA CYS B 299 -10.56 14.29 13.43
C CYS B 299 -11.40 13.11 13.84
N ILE B 300 -12.50 13.40 14.52
CA ILE B 300 -13.41 12.37 14.97
C ILE B 300 -14.70 12.50 14.19
N ALA B 301 -15.29 11.37 13.80
CA ALA B 301 -16.57 11.33 13.13
C ALA B 301 -17.30 10.12 13.69
N THR B 302 -18.63 10.16 13.81
CA THR B 302 -19.34 9.10 14.54
C THR B 302 -19.69 7.81 13.78
N ASP B 303 -19.92 7.92 12.46
CA ASP B 303 -20.47 6.80 11.71
C ASP B 303 -21.79 6.38 12.38
N HIS B 304 -22.59 7.37 12.79
CA HIS B 304 -23.94 7.13 13.30
C HIS B 304 -24.64 6.22 12.31
N ALA B 305 -24.96 5.01 12.74
CA ALA B 305 -25.54 3.99 11.86
C ALA B 305 -26.76 3.31 12.47
N PRO B 306 -27.93 3.98 12.39
CA PRO B 306 -29.17 3.45 12.97
C PRO B 306 -29.77 2.25 12.23
N HIS B 307 -30.24 1.27 13.01
CA HIS B 307 -30.99 0.10 12.51
C HIS B 307 -32.17 -0.16 13.46
N ALA B 308 -33.16 -0.91 12.99
CA ALA B 308 -34.32 -1.23 13.84
C ALA B 308 -33.98 -2.24 14.95
N ARG B 309 -34.87 -2.37 15.93
CA ARG B 309 -34.63 -3.22 17.10
C ARG B 309 -34.57 -4.72 16.76
N ASP B 310 -35.56 -5.19 16.00
CA ASP B 310 -35.67 -6.61 15.66
C ASP B 310 -34.54 -7.12 14.78
N GLU B 311 -34.09 -6.32 13.83
CA GLU B 311 -32.97 -6.74 12.99
C GLU B 311 -31.61 -6.77 13.70
N LYS B 312 -31.45 -5.96 14.74
CA LYS B 312 -30.22 -5.94 15.55
C LYS B 312 -30.26 -6.93 16.71
N ALA B 313 -31.41 -7.58 16.91
CA ALA B 313 -31.55 -8.58 17.95
C ALA B 313 -31.00 -9.93 17.48
N GLN B 314 -30.84 -10.07 16.17
CA GLN B 314 -30.32 -11.30 15.55
C GLN B 314 -28.92 -11.68 16.05
N PRO B 315 -28.49 -12.93 15.80
CA PRO B 315 -27.11 -13.28 16.09
C PRO B 315 -26.17 -12.44 15.23
N MSE B 316 -24.95 -12.25 15.71
CA MSE B 316 -23.93 -11.44 15.06
C MSE B 316 -23.71 -11.82 13.59
O MSE B 316 -23.45 -10.97 12.76
CB MSE B 316 -22.64 -11.54 15.84
CG MSE B 316 -21.91 -10.28 15.98
SE MSE B 316 -20.64 -10.41 17.45
CE MSE B 316 -19.93 -8.59 17.36
N GLU B 317 -23.81 -13.11 13.30
CA GLU B 317 -23.61 -13.61 11.94
C GLU B 317 -24.70 -13.13 10.95
N LYS B 318 -25.88 -12.81 11.47
CA LYS B 318 -27.03 -12.43 10.65
C LYS B 318 -27.33 -10.92 10.69
N ALA B 319 -27.04 -10.26 11.80
CA ALA B 319 -27.37 -8.85 12.00
C ALA B 319 -26.63 -7.89 11.07
N PRO B 320 -27.24 -6.71 10.80
CA PRO B 320 -26.54 -5.66 10.07
C PRO B 320 -25.46 -5.00 10.95
N PHE B 321 -24.47 -4.38 10.31
CA PHE B 321 -23.40 -3.67 11.00
C PHE B 321 -23.83 -2.24 11.35
N GLY B 322 -23.45 -1.75 12.53
CA GLY B 322 -23.64 -0.35 12.84
C GLY B 322 -24.21 -0.08 14.21
N ILE B 323 -23.80 1.05 14.77
CA ILE B 323 -24.33 1.55 16.03
C ILE B 323 -24.62 3.04 15.87
N VAL B 324 -25.59 3.53 16.63
CA VAL B 324 -25.86 4.96 16.69
C VAL B 324 -24.79 5.60 17.57
N GLY B 325 -24.52 6.88 17.35
CA GLY B 325 -23.49 7.58 18.10
C GLY B 325 -23.56 9.10 18.17
N SER B 326 -24.46 9.70 17.39
CA SER B 326 -24.60 11.16 17.38
C SER B 326 -24.87 11.75 18.76
N GLU B 327 -25.81 11.13 19.49
CA GLU B 327 -26.27 11.64 20.79
C GLU B 327 -25.30 11.41 21.95
N THR B 328 -24.41 10.42 21.82
CA THR B 328 -23.50 10.03 22.90
C THR B 328 -22.03 10.43 22.68
N ALA B 329 -21.69 10.78 21.44
CA ALA B 329 -20.31 11.11 21.05
C ALA B 329 -19.55 11.98 22.04
N PHE B 330 -19.96 13.24 22.23
CA PHE B 330 -19.26 14.18 23.10
C PHE B 330 -19.26 13.81 24.58
N PRO B 331 -20.46 13.50 25.15
CA PRO B 331 -20.52 13.08 26.56
C PRO B 331 -19.58 11.92 26.87
N LEU B 332 -19.58 10.90 26.02
CA LEU B 332 -18.69 9.76 26.23
C LEU B 332 -17.22 10.15 26.21
N LEU B 333 -16.82 10.87 25.17
CA LEU B 333 -15.41 11.28 25.00
C LEU B 333 -14.95 12.28 26.07
N TYR B 334 -15.80 13.25 26.41
CA TYR B 334 -15.45 14.21 27.47
C TYR B 334 -15.23 13.50 28.82
N THR B 335 -16.19 12.66 29.20
CA THR B 335 -16.13 11.91 30.44
C THR B 335 -14.88 11.02 30.51
N HIS B 336 -14.60 10.27 29.45
CA HIS B 336 -13.47 9.35 29.45
C HIS B 336 -12.12 10.04 29.36
N PHE B 337 -11.98 10.92 28.37
CA PHE B 337 -10.69 11.54 28.08
C PHE B 337 -10.37 12.85 28.76
N VAL B 338 -11.37 13.69 29.03
CA VAL B 338 -11.12 14.99 29.64
C VAL B 338 -11.29 14.97 31.15
N LYS B 339 -12.48 14.57 31.61
CA LYS B 339 -12.80 14.51 33.03
C LYS B 339 -11.90 13.47 33.72
N ASN B 340 -11.78 12.30 33.08
CA ASN B 340 -11.03 11.17 33.61
C ASN B 340 -9.70 10.86 32.92
N GLY B 341 -9.23 11.79 32.08
CA GLY B 341 -7.96 11.60 31.38
C GLY B 341 -7.10 12.83 31.22
N ASP B 342 -6.18 12.75 30.26
CA ASP B 342 -5.19 13.78 29.95
C ASP B 342 -5.61 14.84 28.91
N TRP B 343 -6.65 14.57 28.14
CA TRP B 343 -7.09 15.53 27.10
C TRP B 343 -7.60 16.83 27.72
N THR B 344 -7.34 17.95 27.04
CA THR B 344 -7.86 19.26 27.48
C THR B 344 -9.23 19.42 26.83
N LEU B 345 -10.05 20.33 27.36
CA LEU B 345 -11.37 20.55 26.75
C LEU B 345 -11.22 21.08 25.32
N GLN B 346 -10.28 22.00 25.14
CA GLN B 346 -9.99 22.54 23.80
C GLN B 346 -9.65 21.44 22.79
N GLN B 347 -8.84 20.49 23.24
CA GLN B 347 -8.34 19.39 22.42
C GLN B 347 -9.49 18.55 21.90
N LEU B 348 -10.39 18.14 22.80
CA LEU B 348 -11.56 17.36 22.40
C LEU B 348 -12.47 18.15 21.48
N VAL B 349 -12.73 19.41 21.82
CA VAL B 349 -13.63 20.21 21.02
C VAL B 349 -13.05 20.42 19.62
N ASP B 350 -11.75 20.69 19.53
CA ASP B 350 -11.10 20.81 18.21
C ASP B 350 -11.30 19.59 17.33
N TYR B 351 -11.22 18.38 17.90
CA TYR B 351 -11.42 17.16 17.12
C TYR B 351 -12.79 17.10 16.48
N LEU B 352 -13.76 17.86 17.01
CA LEU B 352 -15.15 17.78 16.53
C LEU B 352 -15.66 19.07 15.86
N THR B 353 -14.79 20.07 15.75
CA THR B 353 -15.18 21.37 15.22
C THR B 353 -14.22 21.88 14.13
N ILE B 354 -13.13 22.50 14.55
CA ILE B 354 -12.19 23.09 13.60
C ILE B 354 -11.50 22.02 12.72
N LYS B 355 -11.12 20.89 13.31
CA LYS B 355 -10.38 19.84 12.59
C LYS B 355 -11.16 19.14 11.48
N PRO B 356 -12.42 18.76 11.72
CA PRO B 356 -13.26 18.36 10.60
C PRO B 356 -13.39 19.45 9.55
N CYS B 357 -13.47 20.72 9.97
CA CYS B 357 -13.61 21.82 8.99
C CYS B 357 -12.32 22.12 8.23
N GLU B 358 -11.18 22.13 8.90
CA GLU B 358 -9.89 22.26 8.21
C GLU B 358 -9.73 21.13 7.18
N THR B 359 -10.17 19.92 7.54
CA THR B 359 -10.01 18.75 6.69
C THR B 359 -10.65 18.94 5.33
N PHE B 360 -11.87 19.46 5.31
CA PHE B 360 -12.64 19.56 4.06
C PHE B 360 -12.75 21.00 3.56
N ASN B 361 -11.97 21.88 4.15
CA ASN B 361 -11.97 23.31 3.82
C ASN B 361 -13.33 23.97 4.04
N LEU B 362 -13.99 23.62 5.12
CA LEU B 362 -15.30 24.18 5.43
C LEU B 362 -15.14 25.43 6.29
N GLU B 363 -16.16 26.28 6.30
CA GLU B 363 -16.09 27.59 7.00
C GLU B 363 -16.63 27.55 8.45
N TYR B 364 -17.14 26.40 8.88
CA TYR B 364 -17.77 26.29 10.20
C TYR B 364 -16.76 25.97 11.30
N GLY B 365 -17.25 25.45 12.42
CA GLY B 365 -16.39 24.96 13.50
C GLY B 365 -15.80 25.98 14.44
N THR B 366 -16.21 27.24 14.30
CA THR B 366 -15.73 28.28 15.19
C THR B 366 -16.89 29.16 15.64
N LEU B 367 -16.68 29.84 16.77
CA LEU B 367 -17.57 30.89 17.27
C LEU B 367 -16.83 32.21 17.07
N LYS B 368 -17.24 32.98 16.07
CA LYS B 368 -16.53 34.21 15.81
C LYS B 368 -17.54 35.26 15.35
N GLU B 369 -17.24 36.52 15.61
CA GLU B 369 -18.08 37.58 15.11
C GLU B 369 -18.15 37.49 13.59
N ASN B 370 -19.37 37.63 13.07
CA ASN B 370 -19.70 37.54 11.63
C ASN B 370 -19.79 36.11 11.12
N GLY B 371 -19.54 35.14 12.01
CA GLY B 371 -19.68 33.72 11.67
C GLY B 371 -21.12 33.31 11.96
N TYR B 372 -21.52 32.13 11.50
CA TYR B 372 -22.86 31.63 11.77
C TYR B 372 -23.06 31.37 13.24
N ALA B 373 -24.29 31.60 13.70
CA ALA B 373 -24.64 31.30 15.08
C ALA B 373 -24.94 29.81 15.19
N ASP B 374 -23.89 29.02 14.99
CA ASP B 374 -23.93 27.54 15.10
C ASP B 374 -23.23 27.21 16.40
N LEU B 375 -24.00 26.85 17.42
CA LEU B 375 -23.39 26.63 18.73
C LEU B 375 -24.19 25.65 19.55
N THR B 376 -23.56 25.15 20.62
CA THR B 376 -24.19 24.27 21.57
C THR B 376 -23.77 24.67 22.99
N ILE B 377 -24.72 24.62 23.92
CA ILE B 377 -24.45 24.89 25.33
C ILE B 377 -24.40 23.56 26.05
N ILE B 378 -23.30 23.32 26.77
CA ILE B 378 -23.01 22.03 27.37
C ILE B 378 -22.88 22.12 28.88
N ASP B 379 -23.67 21.31 29.58
CA ASP B 379 -23.55 21.17 31.03
C ASP B 379 -22.41 20.21 31.29
N LEU B 380 -21.31 20.72 31.84
CA LEU B 380 -20.10 19.91 32.08
C LEU B 380 -20.06 19.19 33.45
N ASP B 381 -20.86 19.69 34.39
CA ASP B 381 -20.81 19.25 35.79
C ASP B 381 -21.88 18.24 36.20
N SER B 382 -22.92 18.11 35.39
CA SER B 382 -24.05 17.26 35.76
C SER B 382 -23.96 15.86 35.12
N GLU B 383 -24.05 14.84 35.96
CA GLU B 383 -23.97 13.45 35.49
C GLU B 383 -25.31 12.92 35.01
N GLN B 384 -25.30 12.30 33.85
CA GLN B 384 -26.47 11.68 33.23
C GLN B 384 -26.18 10.22 32.86
N GLU B 385 -27.21 9.38 32.88
CA GLU B 385 -27.09 7.99 32.41
C GLU B 385 -27.66 7.90 31.00
N ILE B 386 -26.93 7.25 30.09
CA ILE B 386 -27.38 7.10 28.71
C ILE B 386 -28.52 6.09 28.65
N LYS B 387 -29.67 6.54 28.18
CA LYS B 387 -30.86 5.72 28.11
C LYS B 387 -31.49 5.81 26.73
N GLY B 388 -31.97 4.66 26.25
CA GLY B 388 -32.64 4.58 24.95
C GLY B 388 -33.88 5.45 24.81
N GLU B 389 -34.56 5.66 25.95
CA GLU B 389 -35.75 6.50 26.03
C GLU B 389 -35.47 7.96 25.67
N ASP B 390 -34.27 8.42 25.99
CA ASP B 390 -33.86 9.81 25.74
C ASP B 390 -33.41 10.07 24.29
N PHE B 391 -33.22 9.02 23.50
CA PHE B 391 -32.76 9.16 22.12
C PHE B 391 -33.81 9.73 21.18
N LEU B 392 -33.46 10.79 20.45
CA LEU B 392 -34.36 11.42 19.46
C LEU B 392 -34.29 10.69 18.12
N SER B 393 -33.25 9.86 17.98
CA SER B 393 -33.13 8.95 16.85
C SER B 393 -34.24 7.90 16.96
N LYS B 394 -34.70 7.37 15.83
CA LYS B 394 -35.66 6.25 15.87
C LYS B 394 -35.02 4.99 16.49
N ALA B 395 -33.70 4.86 16.30
CA ALA B 395 -32.95 3.67 16.75
C ALA B 395 -32.35 3.80 18.16
N ASP B 396 -31.93 2.67 18.74
CA ASP B 396 -31.26 2.61 20.04
C ASP B 396 -30.16 1.54 20.08
N ASN B 397 -29.67 1.15 18.89
CA ASN B 397 -28.63 0.13 18.79
C ASN B 397 -27.25 0.68 19.14
N THR B 398 -26.88 0.56 20.41
CA THR B 398 -25.58 1.06 20.88
C THR B 398 -25.09 0.34 22.14
N PRO B 399 -23.77 0.05 22.21
CA PRO B 399 -23.23 -0.61 23.40
C PRO B 399 -23.08 0.36 24.58
N PHE B 400 -23.40 1.63 24.36
CA PHE B 400 -23.19 2.62 25.39
C PHE B 400 -24.40 2.89 26.29
N ILE B 401 -25.47 2.13 26.10
CA ILE B 401 -26.63 2.22 26.99
C ILE B 401 -26.17 1.84 28.39
N GLY B 402 -26.46 2.70 29.37
CA GLY B 402 -26.12 2.41 30.76
C GLY B 402 -24.93 3.19 31.30
N TYR B 403 -24.10 3.71 30.41
CA TYR B 403 -22.94 4.51 30.80
C TYR B 403 -23.38 5.83 31.46
N LYS B 404 -22.61 6.28 32.46
CA LYS B 404 -22.85 7.53 33.16
C LYS B 404 -21.88 8.57 32.59
N VAL B 405 -22.42 9.67 32.06
CA VAL B 405 -21.60 10.69 31.37
C VAL B 405 -21.82 12.14 31.81
N TYR B 406 -20.74 12.90 31.81
CA TYR B 406 -20.76 14.35 32.02
C TYR B 406 -20.54 14.99 30.66
N GLY B 407 -20.83 16.30 30.57
CA GLY B 407 -20.66 17.03 29.32
C GLY B 407 -21.79 16.77 28.34
N ASN B 408 -23.01 16.93 28.81
CA ASN B 408 -24.19 16.71 27.97
C ASN B 408 -24.72 18.04 27.44
N PRO B 409 -24.92 18.15 26.10
CA PRO B 409 -25.50 19.36 25.53
C PRO B 409 -26.88 19.63 26.12
N ILE B 410 -27.19 20.89 26.39
CA ILE B 410 -28.51 21.26 26.90
C ILE B 410 -29.25 22.20 25.94
N LEU B 411 -28.53 22.72 24.94
CA LEU B 411 -29.12 23.56 23.91
C LEU B 411 -28.25 23.59 22.68
N THR B 412 -28.87 23.45 21.51
CA THR B 412 -28.16 23.51 20.24
C THR B 412 -28.87 24.47 19.30
N MSE B 413 -28.08 25.36 18.72
CA MSE B 413 -28.58 26.39 17.82
C MSE B 413 -27.92 26.24 16.44
O MSE B 413 -26.71 26.05 16.34
CB MSE B 413 -28.25 27.74 18.44
CG MSE B 413 -28.66 28.95 17.66
SE MSE B 413 -28.20 30.53 18.72
CE MSE B 413 -29.42 30.28 20.22
N VAL B 414 -28.73 26.34 15.39
CA VAL B 414 -28.25 26.30 14.01
C VAL B 414 -28.69 27.58 13.31
N GLU B 415 -27.72 28.37 12.89
CA GLU B 415 -27.99 29.67 12.23
C GLU B 415 -28.94 30.52 13.05
N GLY B 416 -28.64 30.66 14.35
CA GLY B 416 -29.39 31.53 15.24
C GLY B 416 -30.73 30.99 15.67
N GLU B 417 -31.03 29.75 15.29
CA GLU B 417 -32.32 29.17 15.59
C GLU B 417 -32.15 28.01 16.56
N VAL B 418 -32.87 28.04 17.68
CA VAL B 418 -32.78 26.96 18.67
C VAL B 418 -33.34 25.69 18.03
N LYS B 419 -32.52 24.65 17.98
CA LYS B 419 -32.86 23.39 17.32
C LYS B 419 -32.97 22.22 18.31
N PHE B 420 -32.43 22.45 19.51
CA PHE B 420 -32.53 21.49 20.60
C PHE B 420 -32.47 22.22 21.92
N GLU B 421 -33.33 21.78 22.85
CA GLU B 421 -33.32 22.29 24.19
C GLU B 421 -33.56 21.13 25.15
N GLY B 422 -32.56 20.83 25.98
CA GLY B 422 -32.59 19.74 26.95
C GLY B 422 -33.75 19.87 27.93
N ASP B 423 -34.34 18.73 28.27
CA ASP B 423 -35.52 18.69 29.13
C ASP B 423 -35.37 17.67 30.25
ZN ZN C . 11.15 -11.03 -15.46
CL CL D . 1.25 -17.66 -10.25
CL CL E . 27.61 -19.50 -7.04
CA CA F . 24.60 -16.15 -29.87
CA CA G . 0.04 6.43 -31.01
ZN ZN H . -20.49 4.41 7.67
CL CL I . -19.35 4.23 -5.37
CA CA J . -36.16 7.46 20.02
CA CA K . -30.33 22.17 -9.31
#